data_6O76
#
_entry.id   6O76
#
_cell.length_a   97.669
_cell.length_b   97.669
_cell.length_c   254.409
_cell.angle_alpha   90.00
_cell.angle_beta   90.00
_cell.angle_gamma   90.00
#
_symmetry.space_group_name_H-M   'P 41 21 2'
#
loop_
_entity.id
_entity.type
_entity.pdbx_description
1 polymer 'Histidine--tRNA ligase, cytoplasmic'
2 non-polymer 'CHLORIDE ION'
3 water water
#
_entity_poly.entity_id   1
_entity_poly.type   'polypeptide(L)'
_entity_poly.pdbx_seq_one_letter_code
;MAERAALEELVKLQGERVRGLKQQKASAELIEEEVAKLLKLKAQLGPDESKQKFVLKTPKGTRDYSPRQMAVREKVFDVI
IRCFKRHGAEVIDTPVFELKETLMGKYGEDSKLIYDLKDQGGELLSLRYDLTVPFARYLAMNKLTNIKRYHIAKVYRRDN
PAMTRGRYREFYQCDFDIAGNFDPMIPDAECLKIMCEILSSLQIGDFLVKVNDRRILDGMFAICGVSDSKFRTICSSVDK
LDKVSWEEVKNEMVGEKGLAPEVADRIGDYVQQHGGVSLVEQLLQDPKLSQNKQALEGLGDLKLLFEYLTLFGIDDKISF
DLSLARGLDYYTGVIYEAVLLQTPAQAGEEPLGVGSVAAGGRYDGLVGMFDPKGRKVPCVGLSIGVERIFSIVEQRLEAL
EEKIRTTETQVLVASAQKKLLEERLKLVSELWDAGIKAELLYKKNPKLLNQLQYCEEAGIPLVAIIGEQELKDGVIKLRS
VTSREEVDVRREDLVEEIKRRTGQPLCIC
;
_entity_poly.pdbx_strand_id   A,B
#
# COMPACT_ATOMS: atom_id res chain seq x y z
N PHE A 54 14.63 29.24 10.36
CA PHE A 54 14.08 27.91 10.13
C PHE A 54 12.59 27.97 9.84
N VAL A 55 12.23 27.65 8.60
CA VAL A 55 10.84 27.56 8.16
C VAL A 55 10.43 26.10 8.23
N LEU A 56 9.16 25.86 8.57
CA LEU A 56 8.61 24.52 8.48
C LEU A 56 8.32 24.23 7.01
N LYS A 57 8.96 23.20 6.47
CA LYS A 57 8.84 22.89 5.06
C LYS A 57 9.13 21.41 4.85
N THR A 58 8.56 20.84 3.80
CA THR A 58 8.96 19.51 3.41
C THR A 58 10.36 19.57 2.80
N PRO A 59 11.21 18.57 3.05
CA PRO A 59 12.59 18.62 2.56
C PRO A 59 12.69 18.90 1.06
N LYS A 60 13.78 19.58 0.69
CA LYS A 60 14.08 19.93 -0.70
C LYS A 60 13.95 18.73 -1.62
N GLY A 61 12.89 18.71 -2.43
CA GLY A 61 12.64 17.62 -3.36
C GLY A 61 11.50 16.71 -2.96
N THR A 62 10.90 16.89 -1.80
CA THR A 62 9.82 16.04 -1.32
C THR A 62 8.53 16.83 -1.21
N ARG A 63 7.43 16.11 -1.02
CA ARG A 63 6.10 16.68 -1.10
C ARG A 63 5.15 15.92 -0.19
N ASP A 64 4.16 16.63 0.34
CA ASP A 64 3.05 15.94 0.97
C ASP A 64 2.03 15.53 -0.10
N TYR A 65 1.08 14.68 0.32
CA TYR A 65 -0.03 14.26 -0.53
C TYR A 65 -1.33 14.62 0.20
N SER A 66 -2.05 15.57 -0.37
CA SER A 66 -3.32 16.06 0.15
C SER A 66 -4.40 15.01 -0.07
N PRO A 67 -5.59 15.19 0.62
CA PRO A 67 -6.59 14.14 0.41
C PRO A 67 -7.01 13.97 -1.05
N ARG A 68 -7.15 15.07 -1.79
CA ARG A 68 -7.56 14.97 -3.18
C ARG A 68 -6.53 14.20 -4.00
N GLN A 69 -5.25 14.49 -3.74
CA GLN A 69 -4.16 13.81 -4.43
C GLN A 69 -4.18 12.32 -4.12
N MET A 70 -4.45 12.01 -2.85
CA MET A 70 -4.50 10.63 -2.41
C MET A 70 -5.63 9.91 -3.14
N ALA A 71 -6.76 10.59 -3.28
CA ALA A 71 -7.91 10.02 -3.97
C ALA A 71 -7.53 9.72 -5.41
N VAL A 72 -6.82 10.65 -6.03
CA VAL A 72 -6.40 10.44 -7.42
C VAL A 72 -5.42 9.27 -7.54
N ARG A 73 -4.49 9.19 -6.60
CA ARG A 73 -3.48 8.14 -6.56
C ARG A 73 -4.08 6.79 -6.23
N GLU A 74 -5.07 6.77 -5.32
CA GLU A 74 -5.77 5.53 -5.03
C GLU A 74 -6.56 5.06 -6.24
N LYS A 75 -7.22 5.98 -6.94
CA LYS A 75 -8.02 5.58 -8.09
C LYS A 75 -7.16 4.88 -9.15
N VAL A 76 -5.95 5.39 -9.41
CA VAL A 76 -5.14 4.76 -10.45
C VAL A 76 -4.48 3.47 -9.92
N PHE A 77 -3.95 3.50 -8.69
CA PHE A 77 -3.36 2.30 -8.13
C PHE A 77 -4.32 1.13 -8.14
N ASP A 78 -5.61 1.40 -7.91
CA ASP A 78 -6.60 0.32 -7.95
C ASP A 78 -6.64 -0.35 -9.32
N VAL A 79 -6.64 0.45 -10.40
CA VAL A 79 -6.67 -0.13 -11.74
C VAL A 79 -5.43 -0.97 -11.99
N ILE A 80 -4.25 -0.42 -11.68
CA ILE A 80 -3.00 -1.11 -12.00
C ILE A 80 -2.88 -2.42 -11.23
N ILE A 81 -3.26 -2.41 -9.94
CA ILE A 81 -3.13 -3.61 -9.12
C ILE A 81 -4.22 -4.63 -9.46
N ARG A 82 -5.41 -4.15 -9.84
CA ARG A 82 -6.42 -5.09 -10.31
C ARG A 82 -5.93 -5.82 -11.55
N CYS A 83 -5.15 -5.16 -12.40
CA CYS A 83 -4.60 -5.85 -13.57
C CYS A 83 -3.48 -6.81 -13.17
N PHE A 84 -2.55 -6.35 -12.31
CA PHE A 84 -1.47 -7.22 -11.86
C PHE A 84 -2.01 -8.49 -11.22
N LYS A 85 -3.02 -8.36 -10.36
CA LYS A 85 -3.64 -9.54 -9.75
C LYS A 85 -4.37 -10.36 -10.80
N ARG A 86 -4.96 -9.68 -11.79
CA ARG A 86 -5.60 -10.40 -12.89
C ARG A 86 -4.61 -11.29 -13.63
N HIS A 87 -3.33 -10.94 -13.60
CA HIS A 87 -2.32 -11.81 -14.21
C HIS A 87 -1.63 -12.72 -13.20
N GLY A 88 -2.24 -12.92 -12.03
CA GLY A 88 -1.73 -13.87 -11.04
C GLY A 88 -0.30 -13.64 -10.59
N ALA A 89 0.03 -12.42 -10.23
CA ALA A 89 1.35 -12.08 -9.71
C ALA A 89 1.32 -12.05 -8.18
N GLU A 90 2.43 -12.47 -7.59
CA GLU A 90 2.63 -12.19 -6.17
C GLU A 90 3.18 -10.78 -5.97
N VAL A 91 3.24 -10.37 -4.70
CA VAL A 91 3.76 -9.06 -4.33
C VAL A 91 4.76 -9.23 -3.19
N ILE A 92 5.82 -8.42 -3.21
CA ILE A 92 6.82 -8.41 -2.14
C ILE A 92 6.99 -6.96 -1.67
N ASP A 93 7.68 -6.82 -0.54
CA ASP A 93 8.07 -5.51 -0.04
C ASP A 93 9.44 -5.61 0.60
N THR A 94 10.27 -4.60 0.32
CA THR A 94 11.65 -4.50 0.82
C THR A 94 11.76 -3.29 1.75
N PRO A 95 12.75 -3.26 2.64
CA PRO A 95 12.91 -2.09 3.51
C PRO A 95 13.27 -0.85 2.71
N VAL A 96 13.06 0.30 3.33
CA VAL A 96 13.32 1.56 2.64
C VAL A 96 14.82 1.82 2.53
N PHE A 97 15.62 1.16 3.35
CA PHE A 97 17.07 1.24 3.22
C PHE A 97 17.68 -0.16 3.20
N GLU A 98 18.84 -0.26 2.56
CA GLU A 98 19.71 -1.41 2.51
C GLU A 98 21.03 -1.04 3.17
N LEU A 99 21.94 -2.00 3.28
CA LEU A 99 23.30 -1.67 3.67
C LEU A 99 24.04 -1.12 2.46
N LYS A 100 25.01 -0.24 2.70
CA LYS A 100 25.64 0.47 1.58
C LYS A 100 26.40 -0.49 0.70
N GLU A 101 27.12 -1.42 1.32
CA GLU A 101 27.81 -2.51 0.65
C GLU A 101 26.91 -3.06 -0.45
N THR A 102 25.61 -3.17 -0.14
CA THR A 102 24.68 -3.76 -1.09
C THR A 102 24.56 -2.93 -2.36
N LEU A 103 24.57 -1.61 -2.22
CA LEU A 103 24.40 -0.73 -3.38
C LEU A 103 25.62 -0.15 -4.09
N MET A 104 26.79 -0.18 -3.44
CA MET A 104 27.97 0.37 -4.09
C MET A 104 28.26 -0.42 -5.35
N GLY A 105 28.74 0.26 -6.38
CA GLY A 105 29.03 -0.37 -7.65
C GLY A 105 27.83 -0.26 -8.58
N LYS A 106 26.83 0.49 -8.14
CA LYS A 106 25.62 0.71 -8.94
C LYS A 106 25.89 1.62 -10.12
N SER A 111 26.58 7.88 -11.49
CA SER A 111 25.30 8.12 -10.83
C SER A 111 25.31 7.64 -9.38
N LYS A 112 26.08 8.33 -8.54
CA LYS A 112 26.02 8.07 -7.11
C LYS A 112 25.35 9.27 -6.44
N LEU A 113 24.08 9.44 -6.74
CA LEU A 113 23.19 10.46 -6.16
C LEU A 113 22.35 9.85 -5.05
N ILE A 114 22.97 9.04 -4.20
CA ILE A 114 22.25 8.32 -3.16
C ILE A 114 22.31 8.87 -1.76
N TYR A 115 21.14 8.97 -1.13
CA TYR A 115 21.06 9.44 0.24
C TYR A 115 21.70 8.39 1.12
N ASP A 116 22.46 8.82 2.12
CA ASP A 116 23.11 7.90 3.03
C ASP A 116 22.85 8.31 4.46
N LEU A 117 22.56 7.35 5.34
CA LEU A 117 22.33 7.66 6.74
C LEU A 117 23.63 7.95 7.48
N LYS A 118 23.54 8.68 8.58
CA LYS A 118 24.72 9.00 9.37
C LYS A 118 25.24 7.71 9.98
N ASP A 119 26.55 7.59 10.13
CA ASP A 119 27.13 6.36 10.68
C ASP A 119 26.48 5.99 12.00
N GLN A 120 26.35 6.94 12.91
CA GLN A 120 25.70 6.65 14.17
C GLN A 120 26.28 5.40 14.84
N GLY A 121 27.59 5.23 14.77
CA GLY A 121 28.21 4.07 15.38
C GLY A 121 27.96 2.78 14.60
N GLY A 122 26.69 2.52 14.32
CA GLY A 122 26.27 1.33 13.59
C GLY A 122 26.67 1.37 12.13
N GLU A 123 26.59 0.21 11.48
CA GLU A 123 26.96 0.10 10.08
C GLU A 123 26.14 1.00 9.17
N LEU A 124 26.77 1.50 8.12
CA LEU A 124 26.13 2.41 7.17
C LEU A 124 24.95 1.81 6.41
N LEU A 125 23.93 2.63 6.20
CA LEU A 125 22.71 2.24 5.51
C LEU A 125 22.32 3.29 4.47
N SER A 126 21.46 2.92 3.53
CA SER A 126 21.03 3.86 2.49
C SER A 126 19.61 3.61 2.06
N LEU A 127 18.90 4.70 1.80
CA LEU A 127 17.54 4.62 1.31
C LEU A 127 17.63 4.04 -0.09
N ARG A 128 16.70 3.17 -0.44
CA ARG A 128 16.72 2.54 -1.75
C ARG A 128 16.56 3.54 -2.86
N TYR A 129 17.44 3.48 -3.85
CA TYR A 129 17.34 4.38 -4.99
C TYR A 129 16.65 3.69 -6.14
N ASP A 130 16.57 2.37 -6.04
CA ASP A 130 15.91 1.58 -7.07
C ASP A 130 15.34 0.29 -6.51
N LEU A 131 14.23 -0.15 -7.09
CA LEU A 131 13.57 -1.40 -6.70
C LEU A 131 14.31 -2.70 -7.04
N THR A 132 14.93 -2.75 -8.21
CA THR A 132 15.59 -3.98 -8.69
C THR A 132 16.75 -4.54 -7.89
N VAL A 133 17.64 -3.69 -7.40
CA VAL A 133 18.76 -4.22 -6.61
C VAL A 133 18.20 -4.85 -5.33
N PRO A 134 17.21 -4.24 -4.67
CA PRO A 134 16.49 -4.99 -3.62
C PRO A 134 15.84 -6.27 -4.11
N PHE A 135 15.35 -6.28 -5.35
CA PHE A 135 14.79 -7.51 -5.93
C PHE A 135 15.85 -8.60 -6.05
N ALA A 136 17.00 -8.25 -6.61
CA ALA A 136 18.07 -9.21 -6.79
C ALA A 136 18.52 -9.76 -5.45
N ARG A 137 18.63 -8.88 -4.47
CA ARG A 137 19.03 -9.30 -3.14
C ARG A 137 17.99 -10.26 -2.58
N TYR A 138 16.72 -9.95 -2.82
CA TYR A 138 15.63 -10.79 -2.33
C TYR A 138 15.67 -12.18 -2.94
N LEU A 139 15.93 -12.27 -4.23
CA LEU A 139 15.99 -13.58 -4.88
C LEU A 139 17.21 -14.37 -4.44
N ALA A 140 18.38 -13.73 -4.41
CA ALA A 140 19.57 -14.42 -3.96
C ALA A 140 19.47 -14.81 -2.49
N MET A 141 18.88 -13.94 -1.67
CA MET A 141 18.75 -14.24 -0.24
C MET A 141 17.79 -15.39 0.01
N ASN A 142 16.75 -15.54 -0.81
CA ASN A 142 15.77 -16.60 -0.63
C ASN A 142 15.96 -17.82 -1.54
N LYS A 143 17.05 -17.89 -2.30
CA LYS A 143 17.39 -19.06 -3.10
C LYS A 143 16.36 -19.34 -4.19
N LEU A 144 15.84 -18.28 -4.81
CA LEU A 144 14.86 -18.41 -5.88
C LEU A 144 15.47 -17.97 -7.20
N THR A 145 15.16 -18.69 -8.27
CA THR A 145 15.60 -18.31 -9.61
C THR A 145 14.42 -17.99 -10.53
N ASN A 146 13.21 -17.88 -9.98
CA ASN A 146 12.01 -17.66 -10.79
C ASN A 146 10.90 -17.17 -9.88
N ILE A 147 10.30 -16.02 -10.25
CA ILE A 147 9.18 -15.46 -9.50
C ILE A 147 8.49 -14.44 -10.40
N LYS A 148 7.19 -14.28 -10.21
CA LYS A 148 6.44 -13.28 -10.94
C LYS A 148 5.88 -12.39 -9.86
N ARG A 149 6.26 -11.12 -9.83
CA ARG A 149 5.78 -10.24 -8.79
C ARG A 149 5.79 -8.76 -9.15
N TYR A 150 5.04 -7.98 -8.39
CA TYR A 150 4.98 -6.55 -8.59
C TYR A 150 5.29 -5.82 -7.30
N HIS A 151 6.09 -4.77 -7.41
CA HIS A 151 6.46 -3.97 -6.25
C HIS A 151 6.12 -2.51 -6.53
N ILE A 152 5.42 -1.87 -5.60
CA ILE A 152 5.03 -0.48 -5.74
C ILE A 152 5.52 0.24 -4.49
N ALA A 153 6.48 1.13 -4.65
CA ALA A 153 7.05 1.79 -3.47
C ALA A 153 7.91 2.96 -3.91
N LYS A 154 8.21 3.84 -2.96
CA LYS A 154 8.94 5.06 -3.25
C LYS A 154 10.44 4.85 -3.17
N VAL A 155 11.16 5.60 -4.02
CA VAL A 155 12.60 5.55 -4.11
C VAL A 155 13.14 6.98 -3.96
N TYR A 156 14.46 7.06 -3.73
CA TYR A 156 15.10 8.25 -3.19
C TYR A 156 16.44 8.50 -3.87
N ARG A 157 16.47 9.49 -4.76
CA ARG A 157 17.71 9.92 -5.41
C ARG A 157 17.94 11.40 -5.13
N ARG A 158 19.16 11.72 -4.70
CA ARG A 158 19.52 13.08 -4.38
C ARG A 158 19.94 13.81 -5.65
N ASP A 159 18.95 14.35 -6.36
CA ASP A 159 19.20 15.08 -7.59
C ASP A 159 18.45 16.39 -7.53
N ASN A 160 18.86 17.35 -8.34
CA ASN A 160 18.19 18.63 -8.34
C ASN A 160 16.76 18.38 -8.75
N PRO A 161 15.81 19.03 -7.99
CA PRO A 161 14.43 18.76 -8.39
C PRO A 161 13.74 19.90 -9.07
N ALA A 162 13.16 19.64 -10.23
CA ALA A 162 12.43 20.66 -10.93
C ALA A 162 10.99 20.23 -10.82
N MET A 163 10.21 20.99 -10.07
CA MET A 163 8.80 20.70 -9.86
C MET A 163 7.98 20.81 -11.14
N THR A 164 8.30 21.80 -11.95
CA THR A 164 7.59 22.04 -13.18
C THR A 164 7.82 20.79 -14.01
N ARG A 165 9.05 20.33 -13.96
CA ARG A 165 9.46 19.12 -14.64
C ARG A 165 8.96 18.01 -13.73
N GLY A 166 8.93 16.79 -14.24
CA GLY A 166 8.47 15.66 -13.46
C GLY A 166 9.32 15.34 -12.25
N ARG A 167 10.59 15.72 -12.29
CA ARG A 167 11.53 15.38 -11.23
C ARG A 167 11.23 15.78 -9.79
N TYR A 168 11.38 14.79 -8.91
CA TYR A 168 11.19 14.93 -7.48
C TYR A 168 12.21 14.01 -6.82
N ARG A 169 12.70 14.37 -5.64
CA ARG A 169 13.66 13.53 -4.95
C ARG A 169 13.09 12.20 -4.45
N GLU A 170 11.87 12.22 -3.94
CA GLU A 170 11.22 11.01 -3.47
C GLU A 170 10.04 10.78 -4.39
N PHE A 171 10.02 9.64 -5.06
CA PHE A 171 8.92 9.35 -5.97
C PHE A 171 8.56 7.88 -6.04
N TYR A 172 7.32 7.60 -6.40
CA TYR A 172 6.86 6.23 -6.54
C TYR A 172 7.48 5.55 -7.75
N GLN A 173 7.79 4.28 -7.58
CA GLN A 173 8.15 3.38 -8.66
C GLN A 173 7.21 2.20 -8.61
N CYS A 174 6.85 1.69 -9.79
CA CYS A 174 5.77 0.72 -9.95
C CYS A 174 6.25 -0.31 -10.97
N ASP A 175 6.72 -1.45 -10.47
CA ASP A 175 7.40 -2.44 -11.30
C ASP A 175 6.71 -3.79 -11.25
N PHE A 176 6.71 -4.46 -12.39
CA PHE A 176 6.17 -5.80 -12.56
C PHE A 176 7.23 -6.64 -13.25
N ASP A 177 7.56 -7.80 -12.68
CA ASP A 177 8.66 -8.59 -13.19
C ASP A 177 8.33 -10.07 -13.21
N ILE A 178 8.80 -10.72 -14.27
CA ILE A 178 8.78 -12.18 -14.42
C ILE A 178 10.23 -12.62 -14.55
N ALA A 179 10.68 -13.46 -13.62
CA ALA A 179 12.06 -13.95 -13.58
C ALA A 179 12.06 -15.48 -13.66
N GLY A 180 12.90 -16.00 -14.53
CA GLY A 180 13.05 -17.44 -14.66
C GLY A 180 13.36 -17.80 -16.09
N ASN A 181 13.77 -19.06 -16.27
CA ASN A 181 14.04 -19.61 -17.59
C ASN A 181 12.74 -20.20 -18.13
N PHE A 182 12.17 -19.56 -19.14
CA PHE A 182 10.93 -19.97 -19.76
C PHE A 182 11.09 -20.01 -21.27
N ASP A 183 10.10 -20.56 -21.96
CA ASP A 183 10.17 -20.62 -23.42
C ASP A 183 10.30 -19.18 -23.88
N PRO A 184 11.09 -18.99 -25.01
CA PRO A 184 11.27 -17.58 -25.38
C PRO A 184 10.06 -16.75 -25.81
N MET A 185 9.98 -15.57 -25.21
CA MET A 185 9.03 -14.51 -25.49
C MET A 185 7.60 -14.54 -24.94
N ILE A 186 7.20 -15.63 -24.31
CA ILE A 186 5.85 -15.68 -23.77
C ILE A 186 5.71 -14.67 -22.65
N PRO A 187 6.76 -14.68 -21.74
CA PRO A 187 6.63 -13.68 -20.67
C PRO A 187 6.67 -12.26 -21.19
N ASP A 188 7.49 -11.99 -22.19
CA ASP A 188 7.60 -10.66 -22.76
C ASP A 188 6.28 -10.23 -23.39
N ALA A 189 5.62 -11.16 -24.07
CA ALA A 189 4.36 -10.85 -24.69
C ALA A 189 3.34 -10.52 -23.62
N GLU A 190 3.37 -11.28 -22.53
CA GLU A 190 2.46 -11.04 -21.43
C GLU A 190 2.70 -9.67 -20.84
N CYS A 191 3.96 -9.28 -20.72
CA CYS A 191 4.30 -7.99 -20.17
C CYS A 191 3.72 -6.91 -21.06
N LEU A 192 3.84 -7.07 -22.36
CA LEU A 192 3.29 -6.08 -23.28
C LEU A 192 1.78 -5.99 -23.14
N LYS A 193 1.13 -7.14 -23.00
CA LYS A 193 -0.32 -7.16 -22.87
C LYS A 193 -0.73 -6.43 -21.61
N ILE A 194 0.04 -6.63 -20.55
CA ILE A 194 -0.26 -5.98 -19.29
C ILE A 194 -0.16 -4.47 -19.42
N MET A 195 0.85 -3.99 -20.14
CA MET A 195 1.00 -2.55 -20.31
C MET A 195 -0.18 -1.92 -21.01
N CYS A 196 -0.65 -2.57 -22.07
CA CYS A 196 -1.78 -2.07 -22.83
C CYS A 196 -3.07 -2.18 -22.04
N GLU A 197 -3.23 -3.24 -21.24
CA GLU A 197 -4.42 -3.34 -20.40
C GLU A 197 -4.54 -2.14 -19.46
N ILE A 198 -3.45 -1.80 -18.77
CA ILE A 198 -3.50 -0.76 -17.76
C ILE A 198 -3.69 0.60 -18.41
N LEU A 199 -2.91 0.89 -19.45
CA LEU A 199 -3.03 2.20 -20.08
C LEU A 199 -4.39 2.37 -20.74
N SER A 200 -4.91 1.30 -21.34
CA SER A 200 -6.26 1.35 -21.90
C SER A 200 -7.30 1.58 -20.80
N SER A 201 -7.13 0.96 -19.63
CA SER A 201 -8.12 1.06 -18.56
C SER A 201 -8.10 2.42 -17.88
N LEU A 202 -6.93 3.06 -17.78
CA LEU A 202 -6.85 4.35 -17.12
C LEU A 202 -7.64 5.44 -17.85
N GLN A 203 -7.93 5.26 -19.13
CA GLN A 203 -8.63 6.26 -19.93
C GLN A 203 -7.93 7.62 -19.82
N ILE A 204 -6.69 7.65 -20.28
CA ILE A 204 -5.91 8.89 -20.30
C ILE A 204 -5.60 9.26 -21.74
N GLY A 205 -6.45 8.79 -22.65
CA GLY A 205 -6.27 9.02 -24.07
C GLY A 205 -5.62 7.83 -24.75
N ASP A 206 -5.26 8.04 -26.02
CA ASP A 206 -4.72 6.96 -26.83
C ASP A 206 -3.20 6.89 -26.67
N PHE A 207 -2.70 5.67 -26.54
CA PHE A 207 -1.28 5.40 -26.34
C PHE A 207 -0.75 4.53 -27.46
N LEU A 208 0.57 4.50 -27.57
CA LEU A 208 1.28 3.60 -28.46
C LEU A 208 2.55 3.11 -27.76
N VAL A 209 2.97 1.90 -28.13
CA VAL A 209 4.13 1.24 -27.53
C VAL A 209 5.20 1.08 -28.59
N LYS A 210 6.37 1.69 -28.35
CA LYS A 210 7.56 1.46 -29.16
C LYS A 210 8.34 0.30 -28.56
N VAL A 211 8.76 -0.63 -29.43
CA VAL A 211 9.60 -1.75 -29.02
C VAL A 211 10.81 -1.79 -29.95
N ASN A 212 11.89 -2.36 -29.42
CA ASN A 212 13.10 -2.60 -30.20
C ASN A 212 13.84 -3.73 -29.47
N ASP A 213 15.05 -4.04 -29.91
CA ASP A 213 15.84 -5.06 -29.26
C ASP A 213 17.27 -4.59 -29.07
N ARG A 214 17.87 -4.96 -27.95
CA ARG A 214 19.23 -4.56 -27.64
C ARG A 214 20.24 -5.12 -28.64
N ARG A 215 20.04 -6.36 -29.04
CA ARG A 215 20.95 -7.01 -29.98
C ARG A 215 20.96 -6.32 -31.33
N ILE A 216 19.80 -5.87 -31.79
CA ILE A 216 19.72 -5.18 -33.06
C ILE A 216 20.53 -3.90 -33.00
N LEU A 217 20.47 -3.20 -31.87
CA LEU A 217 21.23 -1.98 -31.72
C LEU A 217 22.72 -2.27 -31.80
N ASP A 218 23.17 -3.32 -31.12
CA ASP A 218 24.59 -3.67 -31.19
C ASP A 218 25.01 -4.04 -32.61
N GLY A 219 24.28 -4.94 -33.25
CA GLY A 219 24.66 -5.36 -34.58
C GLY A 219 24.55 -4.26 -35.60
N MET A 220 23.45 -3.49 -35.55
CA MET A 220 23.25 -2.41 -36.52
C MET A 220 24.32 -1.33 -36.37
N PHE A 221 24.73 -1.06 -35.13
CA PHE A 221 25.76 -0.05 -34.91
C PHE A 221 27.13 -0.55 -35.33
N ALA A 222 27.43 -1.83 -35.12
CA ALA A 222 28.71 -2.35 -35.57
C ALA A 222 28.79 -2.38 -37.09
N ILE A 223 27.75 -2.92 -37.74
CA ILE A 223 27.75 -3.02 -39.19
C ILE A 223 27.79 -1.64 -39.81
N CYS A 224 27.08 -0.66 -39.22
CA CYS A 224 27.13 0.69 -39.78
C CYS A 224 28.49 1.33 -39.52
N GLY A 225 29.10 1.04 -38.38
CA GLY A 225 30.50 1.37 -38.20
C GLY A 225 30.81 2.33 -37.07
N VAL A 226 30.15 2.18 -35.92
CA VAL A 226 30.51 2.96 -34.73
C VAL A 226 31.48 2.14 -33.91
N SER A 227 32.45 2.82 -33.30
CA SER A 227 33.35 2.16 -32.38
C SER A 227 32.60 1.72 -31.12
N ASP A 228 33.21 0.80 -30.37
CA ASP A 228 32.53 0.22 -29.23
C ASP A 228 32.32 1.22 -28.10
N SER A 229 33.31 2.07 -27.82
CA SER A 229 33.18 2.98 -26.68
C SER A 229 32.43 4.27 -27.01
N LYS A 230 32.35 4.65 -28.28
CA LYS A 230 31.45 5.73 -28.67
C LYS A 230 30.00 5.25 -28.75
N PHE A 231 29.81 3.95 -28.86
CA PHE A 231 28.50 3.38 -29.04
C PHE A 231 27.47 3.82 -28.01
N ARG A 232 27.82 3.88 -26.74
CA ARG A 232 26.85 4.33 -25.76
C ARG A 232 26.46 5.79 -25.97
N THR A 233 27.43 6.63 -26.28
CA THR A 233 27.16 8.04 -26.51
C THR A 233 26.27 8.26 -27.71
N ILE A 234 26.53 7.51 -28.78
CA ILE A 234 25.75 7.62 -30.00
C ILE A 234 24.31 7.22 -29.75
N CYS A 235 24.12 6.18 -28.95
CA CYS A 235 22.79 5.70 -28.62
C CYS A 235 22.01 6.78 -27.90
N SER A 236 22.68 7.50 -27.01
CA SER A 236 22.03 8.56 -26.27
C SER A 236 21.54 9.58 -27.27
N SER A 237 22.33 9.84 -28.30
CA SER A 237 21.90 10.79 -29.33
C SER A 237 20.70 10.25 -30.12
N VAL A 238 20.81 9.03 -30.66
CA VAL A 238 19.75 8.43 -31.47
C VAL A 238 18.42 8.43 -30.73
N ASP A 239 18.44 8.19 -29.41
CA ASP A 239 17.19 8.02 -28.68
C ASP A 239 16.33 9.29 -28.69
N LYS A 240 16.94 10.45 -28.90
CA LYS A 240 16.21 11.71 -28.92
C LYS A 240 15.39 11.90 -30.18
N LEU A 241 15.43 10.96 -31.14
CA LEU A 241 14.70 11.17 -32.38
C LEU A 241 13.20 11.31 -32.15
N ASP A 242 12.69 10.79 -31.03
CA ASP A 242 11.27 10.99 -30.72
C ASP A 242 10.96 12.46 -30.48
N LYS A 243 11.82 13.15 -29.73
CA LYS A 243 11.53 14.52 -29.33
C LYS A 243 12.13 15.58 -30.25
N VAL A 244 13.10 15.21 -31.08
CA VAL A 244 13.76 16.16 -31.97
C VAL A 244 13.73 15.59 -33.39
N SER A 245 14.49 16.18 -34.32
CA SER A 245 14.50 15.80 -35.71
C SER A 245 15.84 15.15 -36.08
N TRP A 246 15.82 14.39 -37.18
CA TRP A 246 17.01 13.63 -37.54
C TRP A 246 18.12 14.52 -38.08
N GLU A 247 17.78 15.61 -38.77
CA GLU A 247 18.81 16.56 -39.13
C GLU A 247 19.51 17.08 -37.90
N GLU A 248 18.77 17.23 -36.81
CA GLU A 248 19.31 17.80 -35.59
C GLU A 248 20.20 16.80 -34.86
N VAL A 249 19.76 15.55 -34.70
CA VAL A 249 20.64 14.58 -34.05
C VAL A 249 21.81 14.17 -34.92
N LYS A 250 21.70 14.30 -36.24
CA LYS A 250 22.85 14.05 -37.11
C LYS A 250 23.87 15.17 -36.99
N ASN A 251 23.40 16.42 -37.01
CA ASN A 251 24.28 17.55 -36.72
C ASN A 251 24.95 17.38 -35.36
N GLU A 252 24.19 16.96 -34.35
CA GLU A 252 24.75 16.74 -33.02
C GLU A 252 25.79 15.64 -33.02
N MET A 253 25.53 14.56 -33.77
CA MET A 253 26.42 13.42 -33.77
C MET A 253 27.75 13.79 -34.42
N VAL A 254 27.70 14.30 -35.65
CA VAL A 254 28.92 14.61 -36.39
C VAL A 254 29.66 15.78 -35.76
N GLY A 255 28.93 16.83 -35.41
CA GLY A 255 29.56 18.05 -34.92
C GLY A 255 30.02 17.97 -33.48
N GLU A 256 29.19 17.42 -32.60
CA GLU A 256 29.51 17.39 -31.19
C GLU A 256 30.27 16.14 -30.77
N LYS A 257 30.20 15.05 -31.54
CA LYS A 257 30.86 13.82 -31.12
C LYS A 257 31.81 13.23 -32.16
N GLY A 258 32.13 13.96 -33.23
CA GLY A 258 33.17 13.57 -34.15
C GLY A 258 32.93 12.29 -34.93
N LEU A 259 31.69 11.78 -34.98
CA LEU A 259 31.42 10.60 -35.78
C LEU A 259 31.42 10.98 -37.26
N ALA A 260 31.95 10.07 -38.08
CA ALA A 260 32.08 10.33 -39.50
C ALA A 260 30.71 10.52 -40.14
N PRO A 261 30.58 11.43 -41.10
CA PRO A 261 29.28 11.61 -41.77
C PRO A 261 28.85 10.40 -42.57
N GLU A 262 29.79 9.61 -43.10
CA GLU A 262 29.43 8.40 -43.82
C GLU A 262 28.96 7.28 -42.90
N VAL A 263 29.22 7.38 -41.60
CA VAL A 263 28.66 6.40 -40.68
C VAL A 263 27.35 6.92 -40.09
N ALA A 264 27.24 8.25 -39.97
CA ALA A 264 25.99 8.81 -39.47
C ALA A 264 24.89 8.70 -40.51
N ASP A 265 25.22 8.78 -41.79
CA ASP A 265 24.19 8.71 -42.81
C ASP A 265 23.78 7.27 -43.14
N ARG A 266 24.47 6.27 -42.60
CA ARG A 266 23.95 4.91 -42.61
C ARG A 266 23.07 4.65 -41.40
N ILE A 267 23.53 5.07 -40.21
CA ILE A 267 22.65 5.00 -39.04
C ILE A 267 21.33 5.72 -39.33
N GLY A 268 21.38 6.79 -40.13
CA GLY A 268 20.15 7.46 -40.52
C GLY A 268 19.22 6.56 -41.31
N ASP A 269 19.79 5.84 -42.30
CA ASP A 269 18.99 4.96 -43.14
C ASP A 269 18.37 3.83 -42.33
N TYR A 270 18.88 3.55 -41.14
CA TYR A 270 18.23 2.51 -40.35
C TYR A 270 17.29 3.07 -39.30
N VAL A 271 17.74 4.05 -38.51
CA VAL A 271 16.96 4.55 -37.38
C VAL A 271 15.73 5.35 -37.81
N GLN A 272 15.76 6.00 -38.99
CA GLN A 272 14.53 6.71 -39.36
C GLN A 272 13.40 5.81 -39.86
N GLN A 273 13.36 4.57 -39.39
CA GLN A 273 12.49 3.53 -39.93
C GLN A 273 11.67 2.91 -38.81
N HIS A 274 10.35 3.08 -38.87
CA HIS A 274 9.46 2.48 -37.88
C HIS A 274 8.24 1.93 -38.58
N GLY A 275 7.69 0.86 -38.02
CA GLY A 275 6.50 0.21 -38.55
C GLY A 275 6.08 -1.00 -37.75
N GLY A 276 5.45 -1.97 -38.38
CA GLY A 276 4.99 -3.17 -37.72
C GLY A 276 5.87 -4.37 -38.00
N VAL A 277 5.26 -5.56 -37.99
CA VAL A 277 5.97 -6.79 -38.33
C VAL A 277 6.62 -6.66 -39.71
N SER A 278 5.96 -5.96 -40.63
CA SER A 278 6.45 -5.87 -42.00
C SER A 278 7.85 -5.26 -42.05
N LEU A 279 8.23 -4.52 -41.02
CA LEU A 279 9.58 -3.97 -40.97
C LEU A 279 10.57 -4.99 -40.43
N VAL A 280 10.13 -5.89 -39.55
CA VAL A 280 11.03 -6.95 -39.11
C VAL A 280 11.28 -7.91 -40.27
N GLU A 281 10.29 -8.07 -41.15
CA GLU A 281 10.47 -8.93 -42.32
C GLU A 281 11.38 -8.25 -43.34
N GLN A 282 11.06 -7.00 -43.68
CA GLN A 282 11.96 -6.18 -44.50
C GLN A 282 13.41 -6.28 -44.02
N LEU A 283 13.65 -6.10 -42.72
CA LEU A 283 15.03 -6.08 -42.24
C LEU A 283 15.63 -7.49 -42.23
N LEU A 284 14.81 -8.51 -42.02
CA LEU A 284 15.29 -9.87 -42.22
C LEU A 284 15.80 -10.06 -43.64
N GLN A 285 15.16 -9.40 -44.60
CA GLN A 285 15.57 -9.48 -45.99
C GLN A 285 16.77 -8.60 -46.32
N ASP A 286 17.14 -7.70 -45.42
CA ASP A 286 18.27 -6.82 -45.69
C ASP A 286 19.55 -7.62 -45.82
N PRO A 287 20.34 -7.30 -46.92
CA PRO A 287 21.57 -8.10 -47.03
C PRO A 287 22.60 -7.89 -45.93
N LYS A 288 22.87 -6.66 -45.55
CA LYS A 288 23.86 -6.40 -44.51
C LYS A 288 23.46 -6.95 -43.15
N LEU A 289 22.20 -6.76 -42.79
CA LEU A 289 21.66 -7.23 -41.52
C LEU A 289 21.61 -8.76 -41.41
N SER A 290 21.30 -9.41 -42.53
CA SER A 290 21.20 -10.85 -42.55
C SER A 290 22.54 -11.46 -42.16
N GLN A 291 23.62 -10.84 -42.62
CA GLN A 291 24.95 -11.32 -42.29
C GLN A 291 25.25 -11.24 -40.79
N ASN A 292 24.80 -10.17 -40.12
CA ASN A 292 25.07 -10.02 -38.69
C ASN A 292 24.30 -11.02 -37.83
N LYS A 293 25.02 -11.73 -36.97
CA LYS A 293 24.44 -12.73 -36.07
C LYS A 293 23.50 -12.27 -34.96
N GLN A 294 23.86 -11.18 -34.30
CA GLN A 294 23.07 -10.67 -33.17
C GLN A 294 21.83 -9.95 -33.64
N ALA A 295 21.98 -9.17 -34.70
CA ALA A 295 20.83 -8.61 -35.36
C ALA A 295 19.87 -9.72 -35.78
N LEU A 296 20.41 -10.83 -36.22
CA LEU A 296 19.57 -11.96 -36.59
C LEU A 296 18.80 -12.47 -35.38
N GLU A 297 19.48 -12.55 -34.25
CA GLU A 297 18.85 -13.02 -33.03
C GLU A 297 17.73 -12.11 -32.57
N GLY A 298 17.98 -10.81 -32.60
CA GLY A 298 16.98 -9.85 -32.17
C GLY A 298 15.76 -9.85 -33.05
N LEU A 299 15.98 -9.90 -34.36
CA LEU A 299 14.89 -9.89 -35.30
C LEU A 299 14.04 -11.14 -35.16
N GLY A 300 14.69 -12.27 -34.94
CA GLY A 300 13.97 -13.51 -34.77
C GLY A 300 13.09 -13.45 -33.55
N ASP A 301 13.62 -12.92 -32.46
CA ASP A 301 12.84 -12.79 -31.24
C ASP A 301 11.68 -11.84 -31.49
N LEU A 302 11.95 -10.76 -32.22
CA LEU A 302 10.93 -9.78 -32.54
C LEU A 302 9.82 -10.32 -33.42
N LYS A 303 10.17 -11.15 -34.39
CA LYS A 303 9.16 -11.73 -35.27
C LYS A 303 8.23 -12.57 -34.42
N LEU A 304 8.82 -13.32 -33.50
CA LEU A 304 8.06 -14.18 -32.61
C LEU A 304 7.17 -13.37 -31.68
N LEU A 305 7.70 -12.26 -31.17
CA LEU A 305 6.95 -11.42 -30.25
C LEU A 305 5.73 -10.81 -30.93
N PHE A 306 5.89 -10.38 -32.17
CA PHE A 306 4.78 -9.81 -32.92
C PHE A 306 3.66 -10.83 -33.12
N GLU A 307 4.03 -12.07 -33.42
CA GLU A 307 3.01 -13.11 -33.55
C GLU A 307 2.23 -13.29 -32.25
N TYR A 308 2.93 -13.42 -31.13
CA TYR A 308 2.23 -13.57 -29.86
C TYR A 308 1.32 -12.38 -29.57
N LEU A 309 1.76 -11.17 -29.92
CA LEU A 309 0.91 -10.00 -29.69
C LEU A 309 -0.32 -10.04 -30.57
N THR A 310 -0.18 -10.54 -31.80
CA THR A 310 -1.34 -10.70 -32.67
C THR A 310 -2.35 -11.65 -32.05
N LEU A 311 -1.87 -12.70 -31.38
CA LEU A 311 -2.81 -13.54 -30.64
C LEU A 311 -3.44 -12.77 -29.48
N PHE A 312 -2.65 -11.95 -28.82
CA PHE A 312 -3.14 -11.15 -27.70
C PHE A 312 -4.13 -10.09 -28.16
N GLY A 313 -4.00 -9.66 -29.41
CA GLY A 313 -4.88 -8.63 -29.95
C GLY A 313 -4.41 -7.22 -29.73
N ILE A 314 -3.19 -7.08 -29.23
CA ILE A 314 -2.59 -5.79 -28.97
C ILE A 314 -1.58 -5.44 -30.05
N ASP A 315 -1.70 -6.14 -31.18
CA ASP A 315 -0.79 -5.96 -32.30
C ASP A 315 -0.78 -4.56 -32.92
N ASP A 316 -1.96 -3.96 -33.07
CA ASP A 316 -2.11 -2.63 -33.65
C ASP A 316 -1.45 -1.50 -32.86
N LYS A 317 -1.47 -1.61 -31.54
CA LYS A 317 -0.94 -0.58 -30.64
C LYS A 317 0.56 -0.66 -30.40
N ILE A 318 1.23 -1.50 -31.15
CA ILE A 318 2.67 -1.71 -30.99
C ILE A 318 3.36 -1.17 -32.24
N SER A 319 4.52 -0.54 -32.06
CA SER A 319 5.33 -0.11 -33.20
C SER A 319 6.79 -0.50 -32.97
N PHE A 320 7.34 -1.26 -33.91
CA PHE A 320 8.77 -1.47 -34.00
C PHE A 320 9.42 -0.17 -34.46
N ASP A 321 10.38 0.32 -33.68
CA ASP A 321 11.08 1.55 -34.03
C ASP A 321 12.53 1.39 -33.60
N LEU A 322 13.46 1.62 -34.52
CA LEU A 322 14.87 1.39 -34.25
C LEU A 322 15.57 2.60 -33.64
N SER A 323 14.93 3.79 -33.65
CA SER A 323 15.45 4.91 -32.88
C SER A 323 15.57 4.56 -31.39
N LEU A 324 14.64 3.77 -30.86
CA LEU A 324 14.61 3.52 -29.43
C LEU A 324 15.91 2.87 -28.96
N ALA A 325 16.54 3.50 -27.98
CA ALA A 325 17.77 3.00 -27.36
C ALA A 325 17.90 3.48 -25.91
N ARG A 326 17.34 2.75 -24.95
CA ARG A 326 17.43 3.16 -23.54
C ARG A 326 17.89 2.04 -22.62
N GLY A 327 18.55 2.41 -21.53
CA GLY A 327 19.00 1.43 -20.55
C GLY A 327 19.84 0.29 -21.08
N LEU A 328 20.80 0.62 -21.94
CA LEU A 328 21.65 -0.39 -22.54
C LEU A 328 22.47 -1.17 -21.51
N ASP A 329 22.95 -0.48 -20.50
CA ASP A 329 23.73 -1.10 -19.44
C ASP A 329 22.95 -2.24 -18.82
N TYR A 330 21.64 -2.14 -18.87
CA TYR A 330 20.65 -2.85 -18.09
C TYR A 330 19.94 -3.93 -18.91
N TYR A 331 19.38 -3.55 -20.04
CA TYR A 331 18.59 -4.45 -20.86
C TYR A 331 19.44 -5.32 -21.77
N THR A 332 19.00 -6.56 -21.98
CA THR A 332 19.71 -7.48 -22.84
C THR A 332 18.87 -7.95 -24.03
N GLY A 333 17.56 -7.74 -23.96
CA GLY A 333 16.69 -8.17 -25.03
C GLY A 333 15.78 -7.09 -25.56
N VAL A 334 14.48 -7.33 -25.54
CA VAL A 334 13.52 -6.36 -26.03
C VAL A 334 13.44 -5.16 -25.12
N ILE A 335 13.29 -3.99 -25.74
CA ILE A 335 13.16 -2.75 -25.01
C ILE A 335 11.90 -2.07 -25.50
N TYR A 336 11.05 -1.62 -24.59
CA TYR A 336 9.82 -0.96 -25.01
C TYR A 336 9.48 0.28 -24.20
N GLU A 337 8.86 1.24 -24.86
CA GLU A 337 8.45 2.48 -24.23
C GLU A 337 7.01 2.77 -24.58
N ALA A 338 6.24 3.24 -23.60
CA ALA A 338 4.84 3.55 -23.85
C ALA A 338 4.66 5.07 -23.80
N VAL A 339 4.04 5.61 -24.84
CA VAL A 339 3.82 7.04 -24.92
C VAL A 339 2.40 7.41 -25.29
N LEU A 340 1.95 8.55 -24.78
CA LEU A 340 0.62 9.06 -25.06
C LEU A 340 0.56 9.69 -26.45
N LEU A 341 -0.62 9.68 -27.05
CA LEU A 341 -0.80 10.25 -28.38
C LEU A 341 -1.75 11.44 -28.42
N GLN A 342 -1.32 12.49 -29.11
CA GLN A 342 -2.12 13.70 -29.25
C GLN A 342 -3.27 13.47 -30.23
N PRO A 351 -1.02 11.34 -34.00
CA PRO A 351 0.08 10.37 -34.04
C PRO A 351 1.37 10.93 -33.46
N LEU A 352 1.26 11.93 -32.60
CA LEU A 352 2.43 12.53 -31.99
C LEU A 352 2.40 12.28 -30.48
N GLY A 353 3.49 11.74 -29.96
CA GLY A 353 3.58 11.45 -28.54
C GLY A 353 3.68 12.67 -27.67
N VAL A 354 2.91 12.69 -26.60
CA VAL A 354 2.91 13.81 -25.66
C VAL A 354 3.87 13.57 -24.50
N GLY A 355 4.41 12.36 -24.41
CA GLY A 355 5.33 12.01 -23.33
C GLY A 355 5.45 10.51 -23.15
N SER A 356 6.45 10.09 -22.37
CA SER A 356 6.68 8.66 -22.15
C SER A 356 6.03 8.26 -20.82
N VAL A 357 5.06 7.36 -20.89
CA VAL A 357 4.30 6.97 -19.70
C VAL A 357 4.71 5.62 -19.11
N ALA A 358 5.36 4.75 -19.90
CA ALA A 358 5.75 3.45 -19.35
C ALA A 358 7.01 2.95 -20.05
N ALA A 359 7.62 1.92 -19.50
CA ALA A 359 8.83 1.36 -20.05
C ALA A 359 8.94 -0.10 -19.65
N GLY A 360 9.65 -0.88 -20.45
CA GLY A 360 9.83 -2.27 -20.15
C GLY A 360 11.07 -2.82 -20.81
N GLY A 361 11.63 -3.87 -20.25
CA GLY A 361 12.82 -4.48 -20.81
C GLY A 361 13.11 -5.88 -20.34
N ARG A 362 14.03 -6.54 -21.05
CA ARG A 362 14.47 -7.87 -20.69
C ARG A 362 15.90 -7.70 -20.22
N TYR A 363 16.18 -8.07 -18.97
CA TYR A 363 17.51 -7.92 -18.42
C TYR A 363 18.01 -9.19 -17.72
N ASP A 364 18.51 -10.13 -18.51
CA ASP A 364 19.02 -11.39 -17.98
C ASP A 364 20.24 -11.27 -17.06
N GLY A 365 21.15 -10.38 -17.41
CA GLY A 365 22.37 -10.17 -16.63
C GLY A 365 22.31 -9.64 -15.21
N LEU A 366 21.45 -8.66 -15.00
CA LEU A 366 21.31 -7.97 -13.72
C LEU A 366 20.81 -8.72 -12.48
N VAL A 367 19.80 -9.57 -12.65
CA VAL A 367 19.22 -10.30 -11.52
C VAL A 367 20.12 -11.28 -10.78
N GLY A 368 20.99 -11.95 -11.52
CA GLY A 368 21.88 -12.96 -10.95
C GLY A 368 23.21 -12.49 -10.40
N MET A 369 23.41 -11.18 -10.33
CA MET A 369 24.68 -10.64 -9.86
C MET A 369 25.00 -11.06 -8.43
N PHE A 370 24.00 -11.05 -7.56
CA PHE A 370 24.20 -11.44 -6.16
C PHE A 370 24.60 -12.88 -5.86
N ASP A 371 24.09 -13.83 -6.63
CA ASP A 371 24.39 -15.24 -6.39
C ASP A 371 25.89 -15.48 -6.45
N PRO A 372 26.39 -16.33 -5.54
CA PRO A 372 27.83 -16.59 -5.49
C PRO A 372 28.33 -17.30 -6.75
N LYS A 373 27.53 -18.24 -7.22
CA LYS A 373 27.87 -19.01 -8.41
C LYS A 373 28.00 -18.14 -9.65
N GLY A 374 27.20 -17.07 -9.71
CA GLY A 374 27.25 -16.20 -10.86
C GLY A 374 26.23 -16.58 -11.91
N ARG A 375 25.33 -17.49 -11.54
CA ARG A 375 24.28 -17.92 -12.45
C ARG A 375 23.39 -16.73 -12.78
N LYS A 376 22.89 -16.69 -14.00
CA LYS A 376 22.04 -15.59 -14.44
C LYS A 376 20.58 -15.98 -14.43
N VAL A 377 19.74 -15.14 -13.85
CA VAL A 377 18.32 -15.40 -13.82
C VAL A 377 17.73 -14.54 -14.91
N PRO A 378 17.14 -15.20 -15.98
CA PRO A 378 16.59 -14.31 -17.01
C PRO A 378 15.39 -13.57 -16.46
N CYS A 379 15.31 -12.27 -16.71
CA CYS A 379 14.20 -11.48 -16.22
C CYS A 379 13.65 -10.52 -17.25
N VAL A 380 12.34 -10.35 -17.25
CA VAL A 380 11.68 -9.42 -18.14
C VAL A 380 10.73 -8.63 -17.26
N GLY A 381 10.53 -7.35 -17.52
CA GLY A 381 9.65 -6.59 -16.66
C GLY A 381 9.22 -5.29 -17.31
N LEU A 382 8.36 -4.57 -16.59
CA LEU A 382 7.87 -3.28 -17.03
C LEU A 382 7.72 -2.35 -15.82
N SER A 383 7.97 -1.08 -16.05
CA SER A 383 7.79 -0.01 -15.08
C SER A 383 6.74 0.95 -15.60
N ILE A 384 5.88 1.45 -14.71
CA ILE A 384 4.79 2.34 -15.09
C ILE A 384 4.98 3.70 -14.44
N GLY A 385 4.94 4.76 -15.24
CA GLY A 385 5.16 6.09 -14.71
C GLY A 385 3.90 6.63 -14.06
N VAL A 386 3.69 6.18 -12.83
CA VAL A 386 2.54 6.56 -12.05
C VAL A 386 2.55 8.04 -11.73
N GLU A 387 3.73 8.57 -11.47
CA GLU A 387 3.87 9.99 -11.16
C GLU A 387 3.42 10.85 -12.39
N ARG A 388 3.65 10.70 -13.74
N ARG A 388 3.63 10.73 -13.73
CA ARG A 388 2.91 11.37 -14.81
CA ARG A 388 2.88 11.41 -14.78
C ARG A 388 1.43 11.01 -14.83
C ARG A 388 1.42 11.02 -14.81
N ILE A 389 1.16 9.74 -14.63
CA ILE A 389 -0.25 9.35 -14.67
C ILE A 389 -1.05 10.08 -13.59
N PHE A 390 -0.47 10.25 -12.41
CA PHE A 390 -1.18 10.95 -11.36
C PHE A 390 -1.51 12.38 -11.76
N SER A 391 -0.53 13.08 -12.32
CA SER A 391 -0.73 14.46 -12.72
C SER A 391 -1.73 14.59 -13.85
N ILE A 392 -1.64 13.70 -14.82
CA ILE A 392 -2.55 13.75 -15.94
C ILE A 392 -3.98 13.53 -15.50
N VAL A 393 -4.20 12.56 -14.63
CA VAL A 393 -5.54 12.28 -14.15
C VAL A 393 -6.12 13.44 -13.36
N GLU A 394 -5.32 14.03 -12.48
CA GLU A 394 -5.83 15.14 -11.69
C GLU A 394 -6.18 16.34 -12.57
N GLN A 395 -5.33 16.62 -13.55
CA GLN A 395 -5.58 17.74 -14.45
C GLN A 395 -6.84 17.49 -15.27
N ARG A 396 -7.08 16.25 -15.67
CA ARG A 396 -8.28 15.99 -16.45
C ARG A 396 -9.44 16.40 -15.56
N LEU A 397 -9.37 16.05 -14.29
CA LEU A 397 -10.41 16.44 -13.35
C LEU A 397 -10.40 17.96 -13.23
N GLU A 398 -9.21 18.54 -13.17
CA GLU A 398 -9.05 19.98 -13.04
C GLU A 398 -9.58 20.74 -14.26
N ALA A 399 -9.35 20.19 -15.45
CA ALA A 399 -9.83 20.86 -16.65
C ALA A 399 -11.34 20.92 -16.58
N LEU A 400 -11.94 19.81 -16.15
CA LEU A 400 -13.38 19.76 -15.99
C LEU A 400 -13.71 20.76 -14.90
N GLU A 401 -12.83 20.81 -13.90
CA GLU A 401 -12.97 21.69 -12.75
C GLU A 401 -13.87 21.06 -11.70
N GLU A 402 -14.22 19.80 -11.90
CA GLU A 402 -15.06 19.07 -10.97
C GLU A 402 -14.37 18.79 -9.65
N LYS A 403 -15.15 18.85 -8.57
CA LYS A 403 -14.65 18.58 -7.24
C LYS A 403 -14.36 17.10 -7.14
N ILE A 404 -13.33 16.74 -6.40
CA ILE A 404 -12.96 15.33 -6.24
C ILE A 404 -13.31 14.92 -4.82
N ARG A 405 -14.01 13.80 -4.69
CA ARG A 405 -14.39 13.33 -3.37
C ARG A 405 -13.18 12.82 -2.60
N THR A 406 -13.00 13.36 -1.40
CA THR A 406 -11.91 12.96 -0.54
C THR A 406 -12.39 11.94 0.48
N THR A 407 -13.70 11.74 0.52
CA THR A 407 -14.32 10.79 1.45
C THR A 407 -15.38 9.98 0.74
N GLU A 408 -15.66 8.81 1.28
CA GLU A 408 -16.66 7.91 0.71
C GLU A 408 -17.97 7.90 1.47
N THR A 409 -18.15 8.84 2.39
CA THR A 409 -19.38 8.87 3.18
C THR A 409 -20.60 8.97 2.28
N GLN A 410 -21.59 8.13 2.55
CA GLN A 410 -22.81 8.12 1.77
C GLN A 410 -24.00 8.74 2.48
N VAL A 411 -23.90 8.88 3.80
CA VAL A 411 -24.99 9.47 4.55
C VAL A 411 -24.53 10.30 5.74
N LEU A 412 -25.29 11.33 6.07
CA LEU A 412 -24.97 12.17 7.21
C LEU A 412 -26.20 12.21 8.10
N VAL A 413 -26.01 12.14 9.41
CA VAL A 413 -27.14 12.16 10.31
C VAL A 413 -27.31 13.55 10.89
N ALA A 414 -28.51 14.10 10.71
CA ALA A 414 -28.81 15.44 11.20
C ALA A 414 -30.20 15.56 11.79
N SER A 415 -30.35 16.51 12.71
CA SER A 415 -31.62 16.78 13.33
C SER A 415 -31.87 18.29 13.29
N ALA A 416 -33.03 18.70 12.79
CA ALA A 416 -33.38 20.12 12.74
C ALA A 416 -33.57 20.69 14.14
N GLN A 417 -34.28 19.93 14.97
CA GLN A 417 -34.59 20.30 16.34
C GLN A 417 -33.45 20.08 17.32
N LYS A 418 -33.39 20.93 18.34
CA LYS A 418 -32.37 20.85 19.38
C LYS A 418 -32.62 19.73 20.39
N LYS A 419 -31.56 19.26 21.04
CA LYS A 419 -31.68 18.22 22.07
C LYS A 419 -31.85 16.80 21.54
N LEU A 420 -31.62 16.59 20.26
CA LEU A 420 -31.74 15.28 19.65
C LEU A 420 -30.40 14.61 19.39
N LEU A 421 -29.34 15.15 19.98
CA LEU A 421 -28.00 14.63 19.75
C LEU A 421 -27.79 13.18 20.13
N GLU A 422 -28.28 12.76 21.29
CA GLU A 422 -28.10 11.39 21.72
C GLU A 422 -28.77 10.40 20.78
N GLU A 423 -29.97 10.73 20.33
CA GLU A 423 -30.71 9.87 19.43
C GLU A 423 -29.96 9.68 18.13
N ARG A 424 -29.34 10.75 17.65
CA ARG A 424 -28.58 10.69 16.42
C ARG A 424 -27.41 9.74 16.57
N LEU A 425 -26.76 9.79 17.73
CA LEU A 425 -25.63 8.93 18.00
C LEU A 425 -26.07 7.49 17.93
N LYS A 426 -27.25 7.21 18.47
CA LYS A 426 -27.76 5.86 18.43
C LYS A 426 -27.96 5.44 16.98
N LEU A 427 -28.54 6.34 16.19
CA LEU A 427 -28.80 6.06 14.78
C LEU A 427 -27.53 5.88 13.96
N VAL A 428 -26.54 6.71 14.22
CA VAL A 428 -25.28 6.63 13.49
C VAL A 428 -24.59 5.29 13.74
N SER A 429 -24.63 4.84 14.99
CA SER A 429 -24.00 3.57 15.34
C SER A 429 -24.63 2.40 14.62
N GLU A 430 -25.95 2.40 14.50
CA GLU A 430 -26.63 1.32 13.83
C GLU A 430 -26.18 1.25 12.41
N LEU A 431 -26.05 2.42 11.80
CA LEU A 431 -25.61 2.50 10.41
C LEU A 431 -24.19 1.97 10.30
N TRP A 432 -23.35 2.30 11.28
CA TRP A 432 -21.98 1.80 11.27
C TRP A 432 -21.96 0.29 11.40
N ASP A 433 -22.77 -0.23 12.31
CA ASP A 433 -22.83 -1.68 12.51
C ASP A 433 -23.49 -2.40 11.34
N ALA A 434 -24.25 -1.69 10.52
CA ALA A 434 -24.72 -2.28 9.27
C ALA A 434 -23.70 -2.18 8.15
N GLY A 435 -22.52 -1.62 8.42
CA GLY A 435 -21.50 -1.46 7.41
C GLY A 435 -21.76 -0.33 6.45
N ILE A 436 -22.59 0.64 6.86
CA ILE A 436 -22.88 1.83 6.08
C ILE A 436 -21.90 2.92 6.48
N LYS A 437 -21.46 3.73 5.52
CA LYS A 437 -20.52 4.80 5.79
C LYS A 437 -21.32 6.03 6.21
N ALA A 438 -21.39 6.27 7.52
CA ALA A 438 -22.20 7.34 8.07
C ALA A 438 -21.31 8.33 8.80
N GLU A 439 -21.84 9.54 8.97
CA GLU A 439 -21.13 10.60 9.67
C GLU A 439 -22.12 11.42 10.48
N LEU A 440 -21.60 12.25 11.35
CA LEU A 440 -22.43 13.16 12.13
C LEU A 440 -21.56 14.32 12.57
N LEU A 441 -22.18 15.47 12.84
CA LEU A 441 -21.42 16.64 13.26
C LEU A 441 -21.30 16.64 14.77
N TYR A 442 -20.11 16.96 15.27
CA TYR A 442 -19.89 16.97 16.71
C TYR A 442 -20.33 18.28 17.35
N LYS A 443 -21.64 18.51 17.31
CA LYS A 443 -22.25 19.70 17.88
C LYS A 443 -23.53 19.23 18.55
N LYS A 444 -23.85 19.82 19.70
CA LYS A 444 -25.06 19.42 20.40
C LYS A 444 -26.33 19.72 19.62
N ASN A 445 -26.40 20.91 19.05
CA ASN A 445 -27.56 21.32 18.28
C ASN A 445 -27.16 21.98 16.96
N PRO A 446 -26.66 21.13 15.99
CA PRO A 446 -26.28 21.82 14.73
C PRO A 446 -27.46 22.28 13.90
N LYS A 447 -27.32 23.43 13.24
CA LYS A 447 -28.39 23.94 12.39
C LYS A 447 -28.50 23.10 11.12
N LEU A 448 -29.70 22.91 10.64
CA LEU A 448 -29.91 22.09 9.46
C LEU A 448 -29.23 22.64 8.22
N LEU A 449 -29.24 23.95 8.04
CA LEU A 449 -28.60 24.53 6.87
C LEU A 449 -27.10 24.26 6.88
N ASN A 450 -26.48 24.38 8.04
CA ASN A 450 -25.05 24.14 8.14
C ASN A 450 -24.69 22.71 7.81
N GLN A 451 -25.49 21.77 8.27
CA GLN A 451 -25.24 20.36 8.02
C GLN A 451 -25.31 20.05 6.52
N LEU A 452 -26.29 20.63 5.84
CA LEU A 452 -26.46 20.41 4.41
C LEU A 452 -25.31 20.96 3.56
N GLN A 453 -24.82 22.13 3.94
CA GLN A 453 -23.73 22.75 3.21
C GLN A 453 -22.52 21.82 3.31
N TYR A 454 -22.37 21.22 4.48
CA TYR A 454 -21.28 20.31 4.73
C TYR A 454 -21.40 19.14 3.77
N CYS A 455 -22.62 18.66 3.57
CA CYS A 455 -22.88 17.56 2.66
C CYS A 455 -22.55 17.92 1.22
N GLU A 456 -22.93 19.11 0.80
CA GLU A 456 -22.69 19.54 -0.56
C GLU A 456 -21.20 19.62 -0.84
N GLU A 457 -20.47 20.16 0.13
CA GLU A 457 -19.02 20.29 0.00
C GLU A 457 -18.29 18.95 -0.06
N ALA A 458 -18.73 18.00 0.76
CA ALA A 458 -18.09 16.69 0.81
C ALA A 458 -18.65 15.68 -0.18
N GLY A 459 -19.69 16.07 -0.91
CA GLY A 459 -20.27 15.17 -1.88
C GLY A 459 -21.12 14.07 -1.29
N ILE A 460 -21.55 14.24 -0.05
CA ILE A 460 -22.41 13.24 0.59
C ILE A 460 -23.75 13.18 -0.11
N PRO A 461 -24.20 12.01 -0.57
CA PRO A 461 -25.46 11.96 -1.31
C PRO A 461 -26.68 12.21 -0.45
N LEU A 462 -26.74 11.64 0.74
CA LEU A 462 -27.92 11.76 1.56
C LEU A 462 -27.74 12.24 2.98
N VAL A 463 -28.83 12.79 3.50
CA VAL A 463 -28.90 13.28 4.85
C VAL A 463 -30.05 12.56 5.53
N ALA A 464 -29.81 12.04 6.72
CA ALA A 464 -30.86 11.36 7.45
C ALA A 464 -31.26 12.32 8.55
N ILE A 465 -32.53 12.70 8.56
CA ILE A 465 -33.01 13.67 9.53
C ILE A 465 -33.85 13.06 10.63
N ILE A 466 -33.53 13.44 11.87
CA ILE A 466 -34.25 12.96 13.03
C ILE A 466 -35.06 14.10 13.61
N GLY A 467 -36.35 13.86 13.79
CA GLY A 467 -37.25 14.86 14.34
C GLY A 467 -38.14 14.24 15.39
N GLU A 468 -38.63 15.06 16.31
CA GLU A 468 -39.50 14.54 17.35
C GLU A 468 -40.74 13.97 16.66
N GLN A 469 -41.29 14.72 15.72
CA GLN A 469 -42.48 14.26 15.02
C GLN A 469 -42.17 13.00 14.24
N GLU A 470 -41.03 13.01 13.57
CA GLU A 470 -40.57 11.88 12.78
C GLU A 470 -40.26 10.67 13.65
N LEU A 471 -39.66 10.94 14.81
CA LEU A 471 -39.28 9.91 15.76
C LEU A 471 -40.47 9.14 16.33
N LYS A 472 -41.56 9.85 16.64
CA LYS A 472 -42.74 9.22 17.22
C LYS A 472 -43.30 8.22 16.24
N ASP A 473 -43.36 8.60 14.99
CA ASP A 473 -43.85 7.73 13.94
C ASP A 473 -42.90 6.54 13.84
N GLY A 474 -41.65 6.80 14.21
CA GLY A 474 -40.59 5.81 14.16
C GLY A 474 -39.88 5.86 12.82
N VAL A 475 -40.37 6.71 11.94
CA VAL A 475 -39.80 6.91 10.63
C VAL A 475 -38.63 7.87 10.67
N ILE A 476 -37.74 7.75 9.69
CA ILE A 476 -36.59 8.62 9.57
C ILE A 476 -36.71 9.30 8.22
N LYS A 477 -36.48 10.61 8.17
CA LYS A 477 -36.61 11.33 6.91
C LYS A 477 -35.29 11.41 6.15
N LEU A 478 -35.31 10.91 4.92
CA LEU A 478 -34.13 10.90 4.07
C LEU A 478 -34.25 11.95 2.98
N ARG A 479 -33.30 12.85 2.90
CA ARG A 479 -33.34 13.88 1.88
C ARG A 479 -32.15 13.78 0.95
N SER A 480 -32.42 13.74 -0.36
CA SER A 480 -31.34 13.68 -1.32
C SER A 480 -30.78 15.07 -1.37
N VAL A 481 -29.47 15.20 -1.19
CA VAL A 481 -28.86 16.52 -1.22
C VAL A 481 -28.99 17.20 -2.57
N THR A 482 -28.73 16.46 -3.64
CA THR A 482 -28.82 17.01 -4.98
C THR A 482 -30.23 17.36 -5.45
N SER A 483 -31.20 16.49 -5.19
CA SER A 483 -32.56 16.73 -5.61
C SER A 483 -33.38 17.42 -4.54
N ARG A 484 -32.89 17.39 -3.31
CA ARG A 484 -33.58 18.00 -2.20
C ARG A 484 -35.00 17.47 -2.03
N GLU A 485 -35.15 16.17 -2.24
CA GLU A 485 -36.45 15.51 -2.10
C GLU A 485 -36.40 14.65 -0.85
N GLU A 486 -37.47 14.66 -0.07
CA GLU A 486 -37.53 13.90 1.16
C GLU A 486 -38.52 12.76 1.16
N VAL A 487 -38.12 11.65 1.76
CA VAL A 487 -38.99 10.48 1.88
C VAL A 487 -38.89 10.01 3.32
N ASP A 488 -39.98 9.48 3.84
CA ASP A 488 -39.96 8.97 5.20
C ASP A 488 -39.85 7.46 5.13
N VAL A 489 -38.88 6.90 5.85
CA VAL A 489 -38.66 5.47 5.83
C VAL A 489 -38.67 4.83 7.20
N ARG A 490 -39.17 3.60 7.26
CA ARG A 490 -39.24 2.85 8.50
C ARG A 490 -37.80 2.57 8.92
N ARG A 491 -37.55 2.50 10.22
CA ARG A 491 -36.20 2.30 10.70
C ARG A 491 -35.58 1.01 10.21
N GLU A 492 -36.33 -0.08 10.21
CA GLU A 492 -35.77 -1.34 9.75
C GLU A 492 -35.39 -1.26 8.28
N ASP A 493 -36.28 -0.69 7.49
CA ASP A 493 -36.04 -0.54 6.06
C ASP A 493 -34.92 0.42 5.70
N LEU A 494 -34.85 1.52 6.45
CA LEU A 494 -33.89 2.58 6.19
C LEU A 494 -32.52 2.09 5.75
N VAL A 495 -32.01 1.04 6.39
CA VAL A 495 -30.70 0.55 6.01
C VAL A 495 -30.74 0.06 4.57
N GLU A 496 -31.78 -0.71 4.22
CA GLU A 496 -31.86 -1.22 2.86
C GLU A 496 -32.14 -0.12 1.85
N GLU A 497 -32.89 0.89 2.27
CA GLU A 497 -33.20 2.00 1.38
C GLU A 497 -31.89 2.71 1.03
N ILE A 498 -31.04 2.89 2.03
CA ILE A 498 -29.77 3.56 1.80
C ILE A 498 -28.91 2.75 0.85
N LYS A 499 -28.94 1.43 1.03
CA LYS A 499 -28.16 0.53 0.18
C LYS A 499 -28.63 0.59 -1.26
N ARG A 500 -29.94 0.64 -1.46
CA ARG A 500 -30.48 0.71 -2.81
C ARG A 500 -30.05 2.01 -3.48
N ARG A 501 -30.10 3.10 -2.72
CA ARG A 501 -29.72 4.41 -3.22
C ARG A 501 -28.26 4.51 -3.61
N THR A 502 -27.38 3.94 -2.81
CA THR A 502 -25.96 3.98 -3.11
C THR A 502 -25.39 2.58 -3.18
N GLY A 503 -24.67 2.27 -4.26
CA GLY A 503 -24.08 0.96 -4.43
C GLY A 503 -23.42 0.43 -3.16
N ALA B 2 13.37 -14.55 4.67
CA ALA B 2 12.05 -13.96 4.51
C ALA B 2 11.01 -14.72 5.32
N GLU B 3 10.61 -15.88 4.81
CA GLU B 3 9.61 -16.70 5.49
C GLU B 3 10.21 -17.11 6.83
N ARG B 4 11.51 -17.37 6.83
CA ARG B 4 12.22 -17.74 8.05
C ARG B 4 12.16 -16.57 9.03
N ALA B 5 12.28 -15.35 8.50
CA ALA B 5 12.22 -14.14 9.33
C ALA B 5 10.85 -14.01 9.97
N ALA B 6 9.81 -14.33 9.19
CA ALA B 6 8.44 -14.28 9.67
C ALA B 6 8.27 -15.29 10.78
N LEU B 7 8.89 -16.45 10.61
CA LEU B 7 8.85 -17.53 11.58
C LEU B 7 9.49 -17.05 12.88
N GLU B 8 10.60 -16.33 12.74
CA GLU B 8 11.31 -15.79 13.91
C GLU B 8 10.41 -14.80 14.63
N GLU B 9 9.70 -13.98 13.86
CA GLU B 9 8.80 -13.01 14.46
C GLU B 9 7.70 -13.74 15.22
N LEU B 10 7.20 -14.82 14.65
CA LEU B 10 6.16 -15.60 15.30
C LEU B 10 6.68 -16.17 16.61
N VAL B 11 7.92 -16.66 16.60
CA VAL B 11 8.49 -17.22 17.81
C VAL B 11 8.64 -16.15 18.88
N LYS B 12 9.04 -14.94 18.48
CA LYS B 12 9.22 -13.86 19.43
C LYS B 12 7.90 -13.49 20.10
N LEU B 13 6.81 -13.60 19.35
CA LEU B 13 5.48 -13.28 19.85
C LEU B 13 4.99 -14.38 20.77
N GLN B 14 5.24 -15.63 20.39
CA GLN B 14 4.80 -16.75 21.19
C GLN B 14 5.48 -16.75 22.54
N GLY B 15 6.77 -16.45 22.55
CA GLY B 15 7.49 -16.42 23.80
C GLY B 15 6.90 -15.35 24.69
N GLU B 16 6.63 -14.19 24.12
CA GLU B 16 6.08 -13.10 24.90
C GLU B 16 4.73 -13.50 25.48
N ARG B 17 3.91 -14.15 24.66
CA ARG B 17 2.59 -14.57 25.11
C ARG B 17 2.68 -15.58 26.23
N VAL B 18 3.61 -16.52 26.12
CA VAL B 18 3.76 -17.53 27.14
C VAL B 18 4.19 -16.86 28.43
N ARG B 19 5.08 -15.90 28.30
CA ARG B 19 5.58 -15.18 29.47
C ARG B 19 4.43 -14.46 30.15
N GLY B 20 3.57 -13.84 29.35
CA GLY B 20 2.43 -13.13 29.91
C GLY B 20 1.48 -14.09 30.62
N LEU B 21 1.23 -15.24 30.00
CA LEU B 21 0.32 -16.21 30.60
C LEU B 21 0.80 -16.76 31.94
N LYS B 22 2.11 -17.05 32.04
CA LYS B 22 2.67 -17.56 33.28
C LYS B 22 2.55 -16.52 34.39
N GLN B 23 2.78 -15.26 34.02
CA GLN B 23 2.69 -14.14 34.94
C GLN B 23 1.28 -13.99 35.48
N GLN B 24 0.31 -14.29 34.62
CA GLN B 24 -1.10 -14.17 34.97
C GLN B 24 -1.58 -15.39 35.74
N LYS B 25 -0.65 -16.30 36.05
CA LYS B 25 -0.97 -17.52 36.80
C LYS B 25 -2.04 -18.32 36.10
N ALA B 26 -1.90 -18.43 34.78
CA ALA B 26 -2.83 -19.18 33.95
C ALA B 26 -2.71 -20.67 34.19
N SER B 27 -3.76 -21.40 33.85
CA SER B 27 -3.81 -22.85 34.03
C SER B 27 -2.81 -23.55 33.14
N ALA B 28 -2.38 -24.73 33.56
CA ALA B 28 -1.39 -25.55 32.85
C ALA B 28 -1.82 -25.98 31.46
N GLU B 29 -3.10 -26.28 31.27
CA GLU B 29 -3.60 -26.74 29.98
C GLU B 29 -3.38 -25.74 28.84
N LEU B 30 -3.59 -24.46 29.10
CA LEU B 30 -3.40 -23.45 28.06
C LEU B 30 -1.92 -23.14 27.87
N ILE B 31 -1.20 -23.07 28.99
CA ILE B 31 0.22 -22.77 28.96
C ILE B 31 0.96 -23.83 28.15
N GLU B 32 0.59 -25.09 28.35
CA GLU B 32 1.23 -26.17 27.63
C GLU B 32 0.99 -26.03 26.14
N GLU B 33 -0.22 -25.66 25.75
CA GLU B 33 -0.52 -25.50 24.33
C GLU B 33 0.35 -24.41 23.73
N GLU B 34 0.49 -23.30 24.45
CA GLU B 34 1.31 -22.20 23.97
C GLU B 34 2.76 -22.60 23.84
N VAL B 35 3.25 -23.36 24.83
CA VAL B 35 4.64 -23.81 24.78
C VAL B 35 4.84 -24.73 23.58
N ALA B 36 3.85 -25.56 23.32
CA ALA B 36 3.91 -26.48 22.20
C ALA B 36 3.98 -25.70 20.90
N LYS B 37 3.17 -24.66 20.79
CA LYS B 37 3.19 -23.85 19.57
C LYS B 37 4.55 -23.20 19.42
N LEU B 38 5.06 -22.67 20.53
CA LEU B 38 6.35 -22.00 20.53
C LEU B 38 7.47 -22.98 20.17
N LEU B 39 7.41 -24.18 20.71
CA LEU B 39 8.44 -25.19 20.43
C LEU B 39 8.42 -25.55 18.95
N LYS B 40 7.22 -25.69 18.39
CA LYS B 40 7.07 -26.02 16.99
C LYS B 40 7.67 -24.90 16.15
N LEU B 41 7.41 -23.66 16.56
CA LEU B 41 7.93 -22.52 15.83
C LEU B 41 9.45 -22.51 15.88
N LYS B 42 10.01 -22.85 17.03
CA LYS B 42 11.46 -22.88 17.18
C LYS B 42 12.04 -23.94 16.26
N ALA B 43 11.37 -25.09 16.20
CA ALA B 43 11.83 -26.18 15.36
C ALA B 43 11.81 -25.73 13.90
N GLN B 44 10.76 -25.01 13.53
CA GLN B 44 10.61 -24.52 12.17
C GLN B 44 11.72 -23.53 11.82
N LEU B 45 12.08 -22.68 12.77
CA LEU B 45 13.14 -21.71 12.53
C LEU B 45 14.39 -22.40 12.01
N PHE B 54 29.52 -12.40 0.09
CA PHE B 54 28.23 -12.91 0.55
C PHE B 54 27.69 -12.06 1.70
N VAL B 55 27.18 -12.72 2.74
CA VAL B 55 26.62 -12.07 3.90
C VAL B 55 25.50 -11.10 3.53
N LEU B 56 24.72 -11.48 2.53
CA LEU B 56 23.60 -10.65 2.10
C LEU B 56 22.60 -10.63 3.22
N LYS B 57 22.20 -9.44 3.64
CA LYS B 57 21.22 -9.31 4.69
C LYS B 57 20.52 -7.97 4.66
N THR B 58 19.30 -7.95 5.15
CA THR B 58 18.54 -6.72 5.24
C THR B 58 19.19 -5.98 6.39
N PRO B 59 19.05 -4.59 6.38
CA PRO B 59 19.71 -3.92 7.51
C PRO B 59 19.11 -4.41 8.82
N LYS B 60 19.90 -4.37 9.88
CA LYS B 60 19.44 -4.86 11.17
C LYS B 60 18.16 -4.18 11.61
N GLY B 61 17.23 -4.98 12.10
CA GLY B 61 15.94 -4.49 12.55
C GLY B 61 14.93 -4.36 11.44
N THR B 62 15.34 -4.72 10.22
CA THR B 62 14.48 -4.63 9.05
C THR B 62 14.32 -5.98 8.39
N ARG B 63 13.09 -6.26 7.96
CA ARG B 63 12.76 -7.52 7.32
C ARG B 63 11.97 -7.32 6.05
N ASP B 64 12.14 -8.23 5.10
CA ASP B 64 11.41 -8.20 3.85
C ASP B 64 10.02 -8.76 4.06
N TYR B 65 9.13 -8.51 3.11
CA TYR B 65 7.77 -9.06 3.21
C TYR B 65 7.62 -10.08 2.11
N SER B 66 7.30 -11.31 2.49
CA SER B 66 7.13 -12.38 1.52
C SER B 66 5.74 -12.32 0.93
N PRO B 67 5.57 -13.04 -0.25
CA PRO B 67 4.21 -12.95 -0.79
C PRO B 67 3.22 -13.47 0.22
N ARG B 68 3.56 -14.51 0.97
CA ARG B 68 2.65 -15.02 1.97
C ARG B 68 2.42 -13.96 3.03
N GLN B 69 3.48 -13.26 3.40
CA GLN B 69 3.40 -12.22 4.41
C GLN B 69 2.53 -11.06 3.94
N MET B 70 2.65 -10.73 2.67
CA MET B 70 1.87 -9.65 2.07
C MET B 70 0.39 -9.94 2.11
N ALA B 71 0.02 -11.20 1.87
CA ALA B 71 -1.38 -11.58 1.86
C ALA B 71 -2.03 -11.34 3.21
N VAL B 72 -1.35 -11.68 4.28
CA VAL B 72 -1.89 -11.46 5.61
C VAL B 72 -2.04 -9.97 5.83
N ARG B 73 -1.04 -9.22 5.39
CA ARG B 73 -1.01 -7.78 5.54
C ARG B 73 -2.16 -7.13 4.77
N GLU B 74 -2.43 -7.63 3.57
CA GLU B 74 -3.51 -7.08 2.76
C GLU B 74 -4.85 -7.30 3.44
N LYS B 75 -5.06 -8.49 3.97
CA LYS B 75 -6.32 -8.78 4.63
C LYS B 75 -6.50 -7.93 5.87
N VAL B 76 -5.44 -7.79 6.65
CA VAL B 76 -5.50 -6.99 7.86
C VAL B 76 -5.72 -5.51 7.56
N PHE B 77 -5.00 -4.99 6.58
CA PHE B 77 -5.13 -3.60 6.18
C PHE B 77 -6.50 -3.32 5.60
N ASP B 78 -7.00 -4.29 4.85
CA ASP B 78 -8.29 -4.14 4.21
C ASP B 78 -9.35 -3.95 5.25
N VAL B 79 -9.29 -4.72 6.34
CA VAL B 79 -10.27 -4.59 7.40
C VAL B 79 -10.16 -3.22 8.06
N ILE B 80 -8.94 -2.79 8.33
CA ILE B 80 -8.71 -1.49 8.95
C ILE B 80 -9.12 -0.33 8.05
N ILE B 81 -8.79 -0.44 6.77
CA ILE B 81 -9.12 0.59 5.81
C ILE B 81 -10.62 0.76 5.64
N ARG B 82 -11.34 -0.35 5.59
CA ARG B 82 -12.77 -0.28 5.41
C ARG B 82 -13.40 0.44 6.58
N CYS B 83 -12.94 0.15 7.79
CA CYS B 83 -13.48 0.81 8.95
C CYS B 83 -13.22 2.31 8.92
N PHE B 84 -12.02 2.69 8.53
CA PHE B 84 -11.69 4.11 8.49
C PHE B 84 -12.55 4.83 7.48
N LYS B 85 -12.73 4.23 6.31
CA LYS B 85 -13.55 4.80 5.26
C LYS B 85 -15.00 4.88 5.69
N ARG B 86 -15.42 3.88 6.45
CA ARG B 86 -16.78 3.81 6.95
C ARG B 86 -17.03 5.03 7.80
N HIS B 87 -16.03 5.44 8.57
CA HIS B 87 -16.20 6.63 9.39
C HIS B 87 -15.84 7.93 8.66
N GLY B 88 -15.83 7.90 7.33
CA GLY B 88 -15.66 9.11 6.52
C GLY B 88 -14.40 9.92 6.78
N ALA B 89 -13.26 9.26 6.79
CA ALA B 89 -11.98 9.92 6.95
C ALA B 89 -11.32 10.17 5.61
N GLU B 90 -10.60 11.29 5.53
CA GLU B 90 -9.66 11.52 4.46
C GLU B 90 -8.36 10.78 4.76
N VAL B 91 -7.47 10.79 3.78
CA VAL B 91 -6.18 10.16 3.91
C VAL B 91 -5.11 11.12 3.44
N ILE B 92 -3.97 11.12 4.12
CA ILE B 92 -2.87 11.99 3.74
C ILE B 92 -1.58 11.20 3.71
N ASP B 93 -0.60 11.69 2.97
CA ASP B 93 0.69 11.02 2.88
C ASP B 93 1.80 12.02 3.16
N THR B 94 2.85 11.55 3.82
CA THR B 94 3.97 12.40 4.17
C THR B 94 5.27 11.79 3.69
N PRO B 95 6.31 12.70 3.48
CA PRO B 95 7.57 12.08 3.03
C PRO B 95 8.22 11.30 4.18
N VAL B 96 9.08 10.34 3.84
CA VAL B 96 9.74 9.51 4.84
C VAL B 96 10.62 10.30 5.80
N PHE B 97 11.31 11.31 5.29
CA PHE B 97 12.18 12.12 6.13
C PHE B 97 11.73 13.57 6.25
N GLU B 98 12.10 14.17 7.36
CA GLU B 98 11.78 15.56 7.68
C GLU B 98 13.07 16.19 8.19
N LEU B 99 13.12 17.51 8.21
CA LEU B 99 14.30 18.18 8.71
C LEU B 99 14.48 17.75 10.15
N LYS B 100 15.73 17.62 10.59
CA LYS B 100 16.00 17.18 11.95
C LYS B 100 15.44 18.18 12.93
N GLU B 101 15.53 19.45 12.57
CA GLU B 101 15.04 20.53 13.42
C GLU B 101 13.54 20.38 13.62
N THR B 102 12.86 19.91 12.58
CA THR B 102 11.43 19.73 12.65
C THR B 102 11.09 18.75 13.76
N LEU B 103 11.88 17.69 13.89
CA LEU B 103 11.64 16.72 14.95
C LEU B 103 12.48 17.05 16.15
N MET B 104 11.84 17.50 17.22
CA MET B 104 12.54 17.85 18.45
C MET B 104 11.58 17.84 19.63
N GLY B 105 12.12 17.75 20.84
CA GLY B 105 11.31 17.73 22.04
C GLY B 105 10.23 18.80 22.02
N GLU B 109 11.35 11.15 24.69
CA GLU B 109 12.21 10.01 24.96
C GLU B 109 13.68 10.35 24.68
N ASP B 110 14.30 9.67 23.72
CA ASP B 110 15.69 9.93 23.40
C ASP B 110 15.90 10.43 21.97
N SER B 111 16.64 11.53 21.85
CA SER B 111 16.93 12.14 20.57
C SER B 111 17.75 11.21 19.68
N LYS B 112 18.67 10.46 20.30
CA LYS B 112 19.55 9.55 19.57
C LYS B 112 18.84 8.40 18.86
N LEU B 113 17.67 8.02 19.33
CA LEU B 113 16.93 6.93 18.72
C LEU B 113 16.62 7.23 17.26
N ILE B 114 16.32 8.49 16.97
CA ILE B 114 15.99 8.91 15.63
C ILE B 114 17.13 8.72 14.62
N TYR B 115 16.79 8.20 13.45
CA TYR B 115 17.74 7.99 12.38
C TYR B 115 18.07 9.35 11.78
N ASP B 116 19.30 9.54 11.34
CA ASP B 116 19.70 10.81 10.75
C ASP B 116 20.52 10.61 9.49
N LEU B 117 20.23 11.40 8.47
CA LEU B 117 20.96 11.30 7.20
C LEU B 117 22.30 12.00 7.22
N LYS B 118 23.16 11.63 6.28
CA LYS B 118 24.48 12.20 6.15
C LYS B 118 24.36 13.63 5.68
N ASP B 119 25.42 14.41 5.86
CA ASP B 119 25.40 15.81 5.48
C ASP B 119 25.14 16.03 3.99
N GLN B 120 25.72 15.20 3.14
CA GLN B 120 25.47 15.33 1.71
C GLN B 120 25.98 16.64 1.14
N GLY B 121 25.54 17.73 1.73
CA GLY B 121 25.90 19.07 1.30
C GLY B 121 24.58 19.79 1.10
N GLY B 122 23.66 19.50 2.00
CA GLY B 122 22.31 20.03 2.01
C GLY B 122 21.78 20.04 3.42
N GLU B 123 20.54 20.44 3.60
CA GLU B 123 19.95 20.50 4.92
C GLU B 123 19.93 19.11 5.53
N LEU B 124 20.23 19.02 6.82
CA LEU B 124 20.24 17.73 7.51
C LEU B 124 18.82 17.19 7.60
N LEU B 125 18.67 15.88 7.44
CA LEU B 125 17.35 15.25 7.48
C LEU B 125 17.30 14.02 8.37
N SER B 126 16.13 13.74 8.91
CA SER B 126 15.95 12.58 9.76
C SER B 126 14.66 11.83 9.39
N LEU B 127 14.70 10.50 9.51
CA LEU B 127 13.55 9.66 9.19
C LEU B 127 12.43 9.83 10.20
N ARG B 128 11.19 9.66 9.77
CA ARG B 128 10.07 9.82 10.68
C ARG B 128 10.18 8.82 11.80
N TYR B 129 9.97 9.27 13.02
CA TYR B 129 10.00 8.37 14.16
C TYR B 129 8.57 8.15 14.64
N ASP B 130 7.70 9.08 14.26
CA ASP B 130 6.30 9.02 14.61
C ASP B 130 5.53 9.57 13.43
N LEU B 131 4.27 9.18 13.32
CA LEU B 131 3.44 9.65 12.22
C LEU B 131 2.61 10.89 12.57
N THR B 132 2.65 11.32 13.83
CA THR B 132 1.82 12.44 14.26
C THR B 132 2.53 13.79 14.23
N VAL B 133 3.85 13.78 14.42
CA VAL B 133 4.61 15.01 14.38
C VAL B 133 4.49 15.55 12.96
N PRO B 134 4.60 14.59 11.97
CA PRO B 134 4.45 15.11 10.60
C PRO B 134 3.06 15.67 10.39
N PHE B 135 2.06 15.04 10.99
CA PHE B 135 0.69 15.49 10.87
C PHE B 135 0.57 16.88 11.46
N ALA B 136 1.24 17.12 12.58
CA ALA B 136 1.21 18.42 13.20
C ALA B 136 1.80 19.46 12.26
N ARG B 137 2.90 19.09 11.62
CA ARG B 137 3.56 19.97 10.68
C ARG B 137 2.66 20.26 9.50
N TYR B 138 1.95 19.22 9.05
CA TYR B 138 1.04 19.37 7.92
C TYR B 138 -0.07 20.34 8.24
N LEU B 139 -0.60 20.27 9.45
CA LEU B 139 -1.66 21.19 9.85
C LEU B 139 -1.18 22.63 9.92
N ALA B 140 -0.03 22.84 10.52
CA ALA B 140 0.53 24.18 10.65
C ALA B 140 0.89 24.80 9.30
N MET B 141 1.48 23.98 8.45
CA MET B 141 1.90 24.43 7.13
C MET B 141 0.71 24.86 6.28
N ASN B 142 -0.36 24.08 6.34
CA ASN B 142 -1.57 24.41 5.58
C ASN B 142 -2.58 25.21 6.38
N LYS B 143 -2.25 25.46 7.65
CA LYS B 143 -3.13 26.24 8.52
C LYS B 143 -4.55 25.68 8.65
N LEU B 144 -4.67 24.38 8.88
CA LEU B 144 -5.98 23.77 9.04
C LEU B 144 -6.36 23.60 10.50
N THR B 145 -7.58 24.01 10.84
CA THR B 145 -8.07 23.89 12.20
C THR B 145 -9.07 22.74 12.39
N ASN B 146 -9.26 21.94 11.35
CA ASN B 146 -10.21 20.83 11.40
C ASN B 146 -9.90 19.81 10.29
N ILE B 147 -9.68 18.56 10.66
CA ILE B 147 -9.48 17.49 9.68
C ILE B 147 -9.64 16.15 10.37
N LYS B 148 -10.22 15.19 9.65
CA LYS B 148 -10.35 13.79 10.08
C LYS B 148 -9.64 12.93 9.05
N ARG B 149 -8.51 12.31 9.43
CA ARG B 149 -7.79 11.53 8.44
C ARG B 149 -7.16 10.31 9.09
N TYR B 150 -6.82 9.32 8.25
CA TYR B 150 -5.99 8.20 8.65
C TYR B 150 -4.74 8.17 7.81
N HIS B 151 -3.67 7.61 8.37
CA HIS B 151 -2.37 7.52 7.73
C HIS B 151 -1.75 6.18 8.09
N ILE B 152 -1.34 5.43 7.08
CA ILE B 152 -0.69 4.12 7.25
C ILE B 152 0.65 4.18 6.54
N ALA B 153 1.73 4.07 7.30
CA ALA B 153 3.05 4.22 6.71
C ALA B 153 4.08 3.71 7.70
N LYS B 154 5.28 3.44 7.19
CA LYS B 154 6.36 2.93 8.03
C LYS B 154 7.03 4.03 8.84
N VAL B 155 7.41 3.69 10.06
CA VAL B 155 8.10 4.61 10.95
C VAL B 155 9.45 4.01 11.24
N TYR B 156 10.46 4.85 11.45
CA TYR B 156 11.80 4.33 11.71
C TYR B 156 12.37 4.73 13.07
N ARG B 157 12.80 3.72 13.82
CA ARG B 157 13.39 3.92 15.14
C ARG B 157 14.60 3.01 15.28
N ARG B 158 15.57 3.42 16.11
CA ARG B 158 16.76 2.61 16.31
C ARG B 158 17.12 2.52 17.78
N TYR B 168 11.19 -4.55 15.48
CA TYR B 168 12.09 -4.18 14.40
C TYR B 168 12.21 -2.66 14.32
N ARG B 169 13.35 -2.18 13.86
CA ARG B 169 13.57 -0.75 13.73
C ARG B 169 12.63 -0.10 12.71
N GLU B 170 12.38 -0.77 11.60
CA GLU B 170 11.48 -0.23 10.60
C GLU B 170 10.18 -1.00 10.69
N PHE B 171 9.10 -0.31 11.03
CA PHE B 171 7.81 -0.97 11.16
C PHE B 171 6.65 -0.07 10.76
N TYR B 172 5.54 -0.71 10.41
CA TYR B 172 4.32 -0.02 10.01
C TYR B 172 3.57 0.59 11.17
N GLN B 173 2.99 1.76 10.93
CA GLN B 173 2.19 2.42 11.94
C GLN B 173 0.84 2.79 11.34
N CYS B 174 -0.23 2.52 12.05
CA CYS B 174 -1.56 2.81 11.57
C CYS B 174 -2.18 3.86 12.47
N ASP B 175 -2.50 5.02 11.92
CA ASP B 175 -3.06 6.11 12.73
C ASP B 175 -4.33 6.76 12.19
N PHE B 176 -5.29 6.99 13.08
CA PHE B 176 -6.52 7.67 12.73
C PHE B 176 -6.66 8.85 13.68
N ASP B 177 -6.78 10.06 13.16
CA ASP B 177 -6.90 11.24 14.02
C ASP B 177 -7.96 12.23 13.60
N ILE B 178 -8.57 12.86 14.59
CA ILE B 178 -9.58 13.88 14.36
C ILE B 178 -9.04 15.14 15.02
N ALA B 179 -8.98 16.23 14.27
CA ALA B 179 -8.48 17.48 14.83
C ALA B 179 -9.42 18.66 14.63
N GLY B 180 -9.66 19.40 15.71
CA GLY B 180 -10.52 20.57 15.67
C GLY B 180 -11.25 20.84 16.97
N ASN B 181 -12.06 21.89 16.97
CA ASN B 181 -12.84 22.25 18.15
C ASN B 181 -14.26 21.79 17.95
N PHE B 182 -14.73 20.92 18.84
CA PHE B 182 -16.06 20.36 18.76
C PHE B 182 -16.62 20.21 20.15
N ASP B 183 -17.92 19.93 20.24
CA ASP B 183 -18.52 19.76 21.55
C ASP B 183 -17.78 18.60 22.20
N PRO B 184 -17.52 18.75 23.56
CA PRO B 184 -16.72 17.68 24.15
C PRO B 184 -17.25 16.24 24.21
N MET B 185 -16.32 15.33 23.96
CA MET B 185 -16.49 13.88 24.03
C MET B 185 -17.08 13.06 22.87
N ILE B 186 -17.58 13.72 21.83
CA ILE B 186 -18.06 12.95 20.69
C ILE B 186 -16.89 12.45 19.84
N PRO B 187 -15.88 13.36 19.59
CA PRO B 187 -14.78 12.83 18.79
C PRO B 187 -14.06 11.72 19.53
N ASP B 188 -13.84 11.93 20.82
CA ASP B 188 -13.14 10.96 21.65
C ASP B 188 -13.90 9.64 21.70
N ALA B 189 -15.22 9.72 21.82
CA ALA B 189 -16.05 8.53 21.87
C ALA B 189 -15.97 7.76 20.56
N GLU B 190 -15.93 8.48 19.45
CA GLU B 190 -15.86 7.85 18.14
C GLU B 190 -14.61 7.02 17.93
N CYS B 191 -13.48 7.51 18.43
CA CYS B 191 -12.24 6.79 18.26
C CYS B 191 -12.31 5.42 18.94
N LEU B 192 -12.87 5.38 20.13
CA LEU B 192 -12.99 4.12 20.84
C LEU B 192 -13.87 3.17 20.05
N LYS B 193 -14.96 3.69 19.51
CA LYS B 193 -15.87 2.88 18.73
C LYS B 193 -15.16 2.32 17.51
N ILE B 194 -14.36 3.15 16.87
CA ILE B 194 -13.61 2.72 15.69
C ILE B 194 -12.62 1.63 16.05
N MET B 195 -11.96 1.81 17.19
CA MET B 195 -10.97 0.84 17.65
C MET B 195 -11.62 -0.50 17.93
N CYS B 196 -12.76 -0.47 18.59
CA CYS B 196 -13.49 -1.70 18.89
C CYS B 196 -13.97 -2.35 17.62
N GLU B 197 -14.44 -1.54 16.68
CA GLU B 197 -14.96 -2.06 15.44
C GLU B 197 -13.91 -2.82 14.65
N ILE B 198 -12.71 -2.25 14.58
CA ILE B 198 -11.62 -2.91 13.87
C ILE B 198 -11.16 -4.20 14.52
N LEU B 199 -11.05 -4.20 15.84
CA LEU B 199 -10.59 -5.40 16.55
C LEU B 199 -11.54 -6.58 16.39
N SER B 200 -12.84 -6.33 16.50
CA SER B 200 -13.82 -7.39 16.35
C SER B 200 -13.77 -7.95 14.94
N SER B 201 -13.62 -7.06 13.98
CA SER B 201 -13.56 -7.42 12.56
C SER B 201 -12.34 -8.28 12.24
N LEU B 202 -11.24 -7.98 12.91
CA LEU B 202 -9.99 -8.71 12.71
C LEU B 202 -10.15 -10.18 13.09
N GLN B 203 -11.07 -10.46 14.00
CA GLN B 203 -11.30 -11.83 14.43
C GLN B 203 -10.07 -12.46 15.08
N ILE B 204 -9.42 -11.66 15.92
CA ILE B 204 -8.25 -12.10 16.65
C ILE B 204 -8.63 -12.49 18.07
N GLY B 205 -9.92 -12.67 18.30
CA GLY B 205 -10.42 -13.05 19.61
C GLY B 205 -10.86 -11.91 20.52
N ASP B 206 -11.23 -12.25 21.75
CA ASP B 206 -11.69 -11.24 22.71
C ASP B 206 -10.62 -10.23 23.10
N PHE B 207 -11.04 -8.98 23.26
CA PHE B 207 -10.16 -7.88 23.61
C PHE B 207 -10.85 -6.90 24.56
N LEU B 208 -10.07 -6.10 25.26
CA LEU B 208 -10.61 -5.09 26.15
C LEU B 208 -9.83 -3.80 26.02
N VAL B 209 -10.49 -2.67 26.28
CA VAL B 209 -9.82 -1.38 26.20
C VAL B 209 -9.85 -0.67 27.54
N LYS B 210 -8.70 -0.14 27.95
CA LYS B 210 -8.58 0.55 29.22
C LYS B 210 -8.40 2.04 28.97
N VAL B 211 -9.21 2.86 29.63
CA VAL B 211 -9.16 4.29 29.45
C VAL B 211 -8.93 5.14 30.70
N ASN B 212 -8.11 6.16 30.55
CA ASN B 212 -7.78 7.09 31.62
C ASN B 212 -7.58 8.49 31.04
N ASP B 213 -7.58 9.47 31.92
CA ASP B 213 -7.38 10.86 31.56
C ASP B 213 -6.14 11.40 32.27
N ARG B 214 -5.26 12.05 31.52
CA ARG B 214 -4.05 12.62 32.08
C ARG B 214 -4.31 13.72 33.11
N ARG B 215 -5.32 14.53 32.86
CA ARG B 215 -5.62 15.63 33.76
C ARG B 215 -5.94 15.14 35.17
N ILE B 216 -6.71 14.07 35.27
CA ILE B 216 -7.04 13.53 36.58
C ILE B 216 -5.77 13.03 37.28
N LEU B 217 -4.90 12.38 36.52
CA LEU B 217 -3.69 11.84 37.10
C LEU B 217 -2.79 12.92 37.70
N ASP B 218 -2.63 14.04 37.01
CA ASP B 218 -1.80 15.10 37.59
C ASP B 218 -2.48 15.57 38.85
N ARG B 232 5.91 11.41 37.11
CA ARG B 232 7.09 11.16 36.31
C ARG B 232 7.61 9.75 36.55
N THR B 233 8.56 9.62 37.47
CA THR B 233 9.14 8.32 37.81
C THR B 233 8.02 7.44 38.35
N ILE B 234 7.12 8.06 39.11
CA ILE B 234 5.99 7.34 39.67
C ILE B 234 5.15 6.82 38.51
N CYS B 235 5.02 7.64 37.47
CA CYS B 235 4.24 7.26 36.29
C CYS B 235 4.86 6.06 35.59
N SER B 236 6.19 6.07 35.48
CA SER B 236 6.91 4.98 34.85
C SER B 236 6.69 3.72 35.67
N SER B 237 6.72 3.91 36.99
CA SER B 237 6.48 2.83 37.92
C SER B 237 5.05 2.40 37.67
N VAL B 238 4.20 3.39 37.46
CA VAL B 238 2.79 3.13 37.20
C VAL B 238 2.62 2.35 35.90
N ASP B 239 3.37 2.75 34.87
CA ASP B 239 3.30 2.05 33.59
C ASP B 239 3.82 0.64 33.82
N LYS B 240 4.90 0.56 34.58
CA LYS B 240 5.53 -0.71 34.94
C LYS B 240 4.55 -1.47 35.81
N LEU B 241 3.72 -0.71 36.51
CA LEU B 241 2.72 -1.24 37.42
C LEU B 241 1.73 -2.15 36.70
N ASP B 242 1.36 -1.79 35.47
CA ASP B 242 0.42 -2.63 34.74
C ASP B 242 1.02 -4.02 34.56
N LYS B 243 2.30 -4.05 34.23
CA LYS B 243 3.05 -5.28 34.01
C LYS B 243 3.25 -6.17 35.24
N VAL B 244 3.50 -5.55 36.39
CA VAL B 244 3.78 -6.29 37.61
C VAL B 244 2.85 -5.98 38.80
N SER B 245 2.82 -6.91 39.75
CA SER B 245 1.96 -6.77 40.93
C SER B 245 2.26 -5.54 41.76
N TRP B 246 1.23 -5.09 42.48
CA TRP B 246 1.32 -3.91 43.34
C TRP B 246 2.33 -4.12 44.46
N GLU B 247 2.36 -5.33 45.01
CA GLU B 247 3.29 -5.67 46.10
C GLU B 247 4.71 -5.43 45.61
N GLU B 248 5.10 -6.21 44.61
CA GLU B 248 6.42 -6.08 44.02
C GLU B 248 6.48 -4.68 43.47
N VAL B 249 5.34 -4.24 42.93
CA VAL B 249 5.23 -2.91 42.37
C VAL B 249 5.46 -1.88 43.46
N LYS B 250 4.93 -2.14 44.65
CA LYS B 250 5.09 -1.23 45.76
C LYS B 250 6.56 -1.12 46.15
N ASN B 251 7.23 -2.27 46.21
CA ASN B 251 8.64 -2.31 46.56
C ASN B 251 9.48 -1.51 45.57
N GLU B 252 9.11 -1.58 44.30
CA GLU B 252 9.83 -0.86 43.26
C GLU B 252 9.75 0.64 43.50
N MET B 253 8.56 1.11 43.89
CA MET B 253 8.35 2.53 44.15
C MET B 253 9.23 2.95 45.32
N VAL B 254 9.31 2.10 46.34
CA VAL B 254 10.11 2.39 47.51
C VAL B 254 11.57 2.50 47.12
N GLY B 255 12.01 1.59 46.25
CA GLY B 255 13.39 1.59 45.79
C GLY B 255 13.68 2.86 45.03
N GLU B 256 12.72 3.30 44.22
CA GLU B 256 12.87 4.52 43.44
C GLU B 256 12.99 5.72 44.36
N LYS B 257 12.20 5.73 45.44
CA LYS B 257 12.21 6.82 46.40
C LYS B 257 13.62 7.30 46.72
N ALA B 264 3.89 7.65 48.95
CA ALA B 264 3.45 6.38 48.37
C ALA B 264 2.13 5.85 48.88
N ASP B 265 1.87 5.99 50.18
CA ASP B 265 0.63 5.47 50.75
C ASP B 265 -0.60 6.11 50.13
N ARG B 266 -0.57 7.43 49.95
CA ARG B 266 -1.70 8.13 49.36
C ARG B 266 -1.90 7.69 47.92
N ILE B 267 -0.79 7.56 47.21
CA ILE B 267 -0.77 7.15 45.80
C ILE B 267 -1.26 5.73 45.51
N GLY B 268 -0.95 4.79 46.39
CA GLY B 268 -1.34 3.40 46.18
C GLY B 268 -2.81 3.11 46.06
N ASP B 269 -3.63 3.76 46.88
CA ASP B 269 -5.07 3.52 46.82
C ASP B 269 -5.67 3.89 45.47
N TYR B 270 -5.23 5.03 44.92
CA TYR B 270 -5.73 5.51 43.63
C TYR B 270 -5.41 4.62 42.43
N VAL B 271 -4.18 4.14 42.36
CA VAL B 271 -3.71 3.31 41.24
C VAL B 271 -4.35 1.93 41.05
N GLN B 272 -4.58 1.21 42.15
CA GLN B 272 -5.15 -0.13 42.08
C GLN B 272 -6.56 -0.19 41.50
N GLN B 273 -7.39 0.78 41.87
CA GLN B 273 -8.78 0.82 41.43
C GLN B 273 -9.01 1.00 39.92
N HIS B 274 -9.83 0.12 39.35
CA HIS B 274 -10.18 0.20 37.93
C HIS B 274 -11.56 -0.40 37.68
N GLY B 275 -12.22 0.00 36.60
CA GLY B 275 -13.54 -0.55 36.30
C GLY B 275 -14.34 0.07 35.20
N GLY B 276 -15.64 0.15 35.47
CA GLY B 276 -16.65 0.78 34.65
C GLY B 276 -17.13 2.17 35.15
N VAL B 277 -18.28 2.56 34.63
CA VAL B 277 -18.93 3.83 34.92
C VAL B 277 -19.30 4.03 36.39
N SER B 278 -19.75 2.96 37.04
CA SER B 278 -20.13 3.05 38.45
C SER B 278 -18.90 3.44 39.26
N LEU B 279 -17.78 2.81 38.90
CA LEU B 279 -16.53 3.07 39.58
C LEU B 279 -16.16 4.51 39.34
N VAL B 280 -16.39 4.98 38.12
CA VAL B 280 -16.08 6.37 37.81
C VAL B 280 -16.88 7.33 38.70
N GLU B 281 -18.16 7.05 38.88
CA GLU B 281 -19.04 7.89 39.68
C GLU B 281 -18.58 8.06 41.12
N GLN B 282 -18.12 6.98 41.72
CA GLN B 282 -17.68 7.02 43.10
C GLN B 282 -16.50 7.96 43.29
N LEU B 283 -15.58 7.97 42.34
CA LEU B 283 -14.39 8.82 42.44
C LEU B 283 -14.71 10.32 42.51
N LEU B 284 -15.69 10.74 41.71
CA LEU B 284 -16.09 12.15 41.69
C LEU B 284 -16.58 12.61 43.05
N GLN B 285 -17.32 11.72 43.71
CA GLN B 285 -17.89 12.01 45.02
C GLN B 285 -16.79 12.26 46.05
N ASP B 286 -15.64 11.62 45.86
CA ASP B 286 -14.55 11.79 46.82
C ASP B 286 -14.22 13.26 47.01
N PRO B 287 -14.08 13.64 48.34
CA PRO B 287 -13.78 15.07 48.53
C PRO B 287 -12.43 15.59 48.03
N LYS B 288 -11.34 14.84 48.25
CA LYS B 288 -10.02 15.32 47.83
C LYS B 288 -9.87 15.53 46.33
N LEU B 289 -10.33 14.56 45.54
CA LEU B 289 -10.26 14.70 44.09
C LEU B 289 -11.20 15.78 43.66
N SER B 290 -12.35 15.80 44.32
CA SER B 290 -13.43 16.73 44.04
C SER B 290 -13.08 18.19 44.24
N GLN B 291 -12.30 18.51 45.26
CA GLN B 291 -12.02 19.92 45.50
C GLN B 291 -10.87 20.46 44.67
N ASN B 292 -10.20 19.63 43.88
CA ASN B 292 -9.16 20.12 42.99
C ASN B 292 -9.71 20.29 41.59
N LYS B 293 -9.74 21.51 41.09
CA LYS B 293 -10.28 21.81 39.78
C LYS B 293 -9.54 21.10 38.65
N GLN B 294 -8.22 21.07 38.71
CA GLN B 294 -7.47 20.43 37.64
C GLN B 294 -7.85 18.95 37.59
N ALA B 295 -7.84 18.31 38.75
CA ALA B 295 -8.21 16.90 38.85
C ALA B 295 -9.67 16.67 38.49
N LEU B 296 -10.51 17.60 38.94
CA LEU B 296 -11.95 17.54 38.74
C LEU B 296 -12.42 17.60 37.28
N GLU B 297 -11.77 18.43 36.48
CA GLU B 297 -12.17 18.60 35.09
C GLU B 297 -12.10 17.30 34.28
N GLY B 298 -11.03 16.54 34.47
CA GLY B 298 -10.85 15.30 33.75
C GLY B 298 -11.93 14.28 34.07
N LEU B 299 -12.29 14.19 35.35
CA LEU B 299 -13.29 13.26 35.80
C LEU B 299 -14.63 13.54 35.15
N GLY B 300 -14.98 14.82 35.05
CA GLY B 300 -16.25 15.19 34.45
C GLY B 300 -16.34 14.79 32.99
N ASP B 301 -15.26 15.01 32.24
CA ASP B 301 -15.25 14.66 30.82
C ASP B 301 -15.43 13.16 30.61
N LEU B 302 -14.77 12.37 31.45
CA LEU B 302 -14.87 10.92 31.35
C LEU B 302 -16.28 10.45 31.62
N LYS B 303 -16.94 11.09 32.57
CA LYS B 303 -18.29 10.72 32.94
C LYS B 303 -19.20 10.89 31.74
N LEU B 304 -19.00 12.00 31.04
CA LEU B 304 -19.77 12.31 29.85
C LEU B 304 -19.51 11.30 28.74
N LEU B 305 -18.24 10.92 28.60
CA LEU B 305 -17.80 10.00 27.56
C LEU B 305 -18.43 8.61 27.66
N PHE B 306 -18.58 8.13 28.88
CA PHE B 306 -19.16 6.81 29.07
C PHE B 306 -20.57 6.76 28.51
N GLU B 307 -21.31 7.85 28.66
CA GLU B 307 -22.68 7.87 28.19
C GLU B 307 -22.72 7.65 26.69
N TYR B 308 -21.81 8.30 25.98
CA TYR B 308 -21.74 8.17 24.52
C TYR B 308 -21.40 6.73 24.13
N LEU B 309 -20.50 6.13 24.90
CA LEU B 309 -20.08 4.77 24.64
C LEU B 309 -21.26 3.82 24.75
N THR B 310 -22.13 4.09 25.72
CA THR B 310 -23.29 3.24 25.92
C THR B 310 -24.19 3.27 24.70
N LEU B 311 -24.35 4.45 24.12
CA LEU B 311 -25.17 4.61 22.93
C LEU B 311 -24.57 3.80 21.79
N PHE B 312 -23.25 3.87 21.67
CA PHE B 312 -22.52 3.14 20.65
C PHE B 312 -22.63 1.63 20.82
N GLY B 313 -22.66 1.18 22.07
CA GLY B 313 -22.75 -0.24 22.38
C GLY B 313 -21.43 -0.92 22.66
N ILE B 314 -20.38 -0.12 22.78
CA ILE B 314 -19.05 -0.64 23.08
C ILE B 314 -18.73 -0.40 24.54
N ASP B 315 -19.74 -0.04 25.32
CA ASP B 315 -19.59 0.26 26.74
C ASP B 315 -19.09 -0.93 27.55
N ASP B 316 -19.57 -2.12 27.20
CA ASP B 316 -19.18 -3.35 27.89
C ASP B 316 -17.70 -3.65 27.74
N LYS B 317 -17.17 -3.34 26.56
CA LYS B 317 -15.77 -3.61 26.25
C LYS B 317 -14.78 -2.54 26.68
N ILE B 318 -15.27 -1.55 27.42
CA ILE B 318 -14.40 -0.48 27.90
C ILE B 318 -14.14 -0.64 29.39
N SER B 319 -12.90 -0.41 29.80
CA SER B 319 -12.52 -0.52 31.21
C SER B 319 -11.79 0.72 31.67
N PHE B 320 -12.00 1.08 32.93
CA PHE B 320 -11.36 2.26 33.50
C PHE B 320 -10.26 1.85 34.45
N ASP B 321 -9.07 2.41 34.28
CA ASP B 321 -7.96 2.08 35.13
C ASP B 321 -7.14 3.34 35.29
N LEU B 322 -6.75 3.65 36.51
CA LEU B 322 -5.94 4.83 36.76
C LEU B 322 -4.47 4.47 36.70
N SER B 323 -4.21 3.17 36.72
CA SER B 323 -2.86 2.64 36.66
C SER B 323 -2.20 2.99 35.34
N LEU B 324 -2.94 2.94 34.25
CA LEU B 324 -2.35 3.24 32.97
C LEU B 324 -1.83 4.68 32.89
N ALA B 325 -0.57 4.81 32.52
CA ALA B 325 0.07 6.11 32.37
C ALA B 325 0.92 6.17 31.10
N ARG B 326 0.68 5.25 30.19
CA ARG B 326 1.45 5.18 28.95
C ARG B 326 1.30 6.42 28.08
N GLY B 327 2.39 6.81 27.43
CA GLY B 327 2.39 7.97 26.56
C GLY B 327 1.93 9.22 27.28
N LEU B 328 2.37 9.37 28.51
CA LEU B 328 2.00 10.52 29.32
C LEU B 328 2.44 11.87 28.78
N ASP B 329 3.65 11.95 28.25
CA ASP B 329 4.15 13.24 27.76
C ASP B 329 3.35 13.87 26.63
N TYR B 330 2.98 13.09 25.63
CA TYR B 330 2.21 13.62 24.51
C TYR B 330 0.78 14.06 24.86
N TYR B 331 0.10 13.23 25.65
CA TYR B 331 -1.28 13.45 26.03
C TYR B 331 -1.60 14.64 26.92
N THR B 332 -2.67 15.34 26.58
CA THR B 332 -3.16 16.48 27.36
C THR B 332 -4.57 16.17 27.85
N GLY B 333 -5.08 15.01 27.45
CA GLY B 333 -6.40 14.55 27.83
C GLY B 333 -6.47 13.09 28.17
N VAL B 334 -7.35 12.37 27.48
CA VAL B 334 -7.55 10.93 27.69
C VAL B 334 -6.49 9.98 27.14
N ILE B 335 -6.40 8.79 27.76
CA ILE B 335 -5.51 7.73 27.32
C ILE B 335 -6.39 6.53 27.07
N TYR B 336 -6.12 5.81 25.99
CA TYR B 336 -6.73 4.51 25.86
C TYR B 336 -5.75 3.54 25.21
N GLU B 337 -5.81 2.29 25.70
CA GLU B 337 -4.92 1.22 25.28
C GLU B 337 -5.73 -0.05 25.21
N ALA B 338 -5.59 -0.79 24.11
CA ALA B 338 -6.35 -2.01 23.88
C ALA B 338 -5.49 -3.24 24.15
N VAL B 339 -6.07 -4.21 24.84
CA VAL B 339 -5.36 -5.43 25.17
C VAL B 339 -6.20 -6.65 24.82
N LEU B 340 -5.64 -7.52 23.98
CA LEU B 340 -6.33 -8.72 23.56
C LEU B 340 -6.42 -9.65 24.76
N LEU B 341 -7.47 -10.47 24.82
CA LEU B 341 -7.64 -11.38 25.92
C LEU B 341 -7.29 -12.80 25.52
N GLN B 342 -6.37 -13.39 26.27
CA GLN B 342 -5.92 -14.75 26.03
C GLN B 342 -7.07 -15.68 25.70
N VAL B 354 4.89 -6.60 24.39
CA VAL B 354 4.25 -5.53 25.16
C VAL B 354 2.80 -5.87 25.46
N GLY B 355 2.18 -6.65 24.58
CA GLY B 355 0.79 -7.04 24.76
C GLY B 355 -0.21 -5.97 24.39
N SER B 356 0.26 -4.93 23.71
CA SER B 356 -0.62 -3.85 23.31
C SER B 356 -0.90 -3.87 21.81
N VAL B 357 -2.19 -3.90 21.45
CA VAL B 357 -2.57 -3.92 20.05
C VAL B 357 -2.92 -2.52 19.55
N ALA B 358 -3.57 -1.73 20.40
CA ALA B 358 -3.92 -0.38 20.01
C ALA B 358 -3.71 0.62 21.14
N ALA B 359 -3.45 1.87 20.79
CA ALA B 359 -3.23 2.91 21.77
C ALA B 359 -3.53 4.27 21.18
N GLY B 360 -3.68 5.27 22.05
CA GLY B 360 -3.95 6.62 21.60
C GLY B 360 -4.68 7.44 22.65
N GLY B 361 -4.95 8.70 22.35
CA GLY B 361 -5.61 9.59 23.28
C GLY B 361 -5.67 11.00 22.74
N ARG B 362 -6.06 11.96 23.57
CA ARG B 362 -6.17 13.34 23.14
C ARG B 362 -4.96 14.19 23.53
N TYR B 363 -4.33 14.80 22.53
CA TYR B 363 -3.18 15.66 22.75
C TYR B 363 -3.46 16.98 22.06
N ASP B 364 -3.45 18.08 22.80
CA ASP B 364 -3.71 19.38 22.21
C ASP B 364 -2.44 20.22 22.06
N GLY B 365 -1.39 19.81 22.76
CA GLY B 365 -0.12 20.50 22.73
C GLY B 365 0.70 20.55 21.46
N LEU B 366 0.75 19.45 20.73
CA LEU B 366 1.56 19.36 19.52
C LEU B 366 1.26 20.26 18.32
N VAL B 367 -0.01 20.44 17.98
CA VAL B 367 -0.34 21.28 16.83
C VAL B 367 0.12 22.71 17.05
N GLY B 368 -0.06 23.18 18.28
CA GLY B 368 0.32 24.52 18.67
C GLY B 368 1.80 24.80 18.55
N MET B 369 2.60 23.78 18.82
CA MET B 369 4.05 23.94 18.80
C MET B 369 4.56 24.41 17.45
N PHE B 370 4.07 23.82 16.37
CA PHE B 370 4.51 24.23 15.06
C PHE B 370 4.14 25.66 14.66
N ASP B 371 2.94 26.09 15.04
CA ASP B 371 2.47 27.43 14.70
C ASP B 371 3.31 28.55 15.30
N PRO B 372 3.61 29.60 14.44
CA PRO B 372 4.41 30.68 15.06
C PRO B 372 3.60 31.33 16.17
N LYS B 373 2.30 31.50 15.93
CA LYS B 373 1.40 32.10 16.90
C LYS B 373 1.37 31.24 18.14
N GLY B 374 1.42 29.92 17.94
CA GLY B 374 1.39 29.00 19.04
C GLY B 374 0.01 28.65 19.52
N ARG B 375 -1.01 29.10 18.79
CA ARG B 375 -2.37 28.79 19.19
C ARG B 375 -2.52 27.28 19.12
N LYS B 376 -3.06 26.69 20.18
CA LYS B 376 -3.24 25.25 20.24
C LYS B 376 -4.37 24.76 19.35
N VAL B 377 -4.21 23.54 18.84
CA VAL B 377 -5.25 22.93 18.01
C VAL B 377 -5.70 21.67 18.74
N PRO B 378 -7.04 21.60 19.04
CA PRO B 378 -7.43 20.37 19.76
C PRO B 378 -7.41 19.14 18.85
N CYS B 379 -6.86 18.04 19.35
CA CYS B 379 -6.82 16.83 18.55
C CYS B 379 -6.89 15.55 19.37
N VAL B 380 -7.52 14.54 18.80
CA VAL B 380 -7.59 13.22 19.44
C VAL B 380 -7.27 12.18 18.38
N GLY B 381 -6.63 11.09 18.79
CA GLY B 381 -6.24 10.10 17.81
C GLY B 381 -5.97 8.73 18.41
N LEU B 382 -5.72 7.78 17.52
CA LEU B 382 -5.42 6.41 17.92
C LEU B 382 -4.43 5.79 16.93
N SER B 383 -3.57 4.90 17.46
CA SER B 383 -2.64 4.11 16.68
C SER B 383 -2.96 2.64 16.89
N ILE B 384 -2.83 1.84 15.83
CA ILE B 384 -3.14 0.42 15.88
C ILE B 384 -1.86 -0.37 15.59
N GLY B 385 -1.48 -1.23 16.54
CA GLY B 385 -0.27 -2.03 16.43
C GLY B 385 -0.39 -3.16 15.42
N VAL B 386 -0.14 -2.85 14.15
CA VAL B 386 -0.49 -3.75 13.06
C VAL B 386 0.52 -4.89 12.86
N GLU B 387 1.73 -4.79 13.40
CA GLU B 387 2.71 -5.87 13.23
C GLU B 387 2.33 -7.12 14.02
N ARG B 388 2.10 -6.96 15.32
CA ARG B 388 1.67 -8.09 16.14
C ARG B 388 0.36 -8.67 15.63
N ILE B 389 -0.52 -7.80 15.12
CA ILE B 389 -1.77 -8.27 14.53
C ILE B 389 -1.48 -9.12 13.28
N PHE B 390 -0.51 -8.68 12.47
CA PHE B 390 -0.06 -9.51 11.34
C PHE B 390 0.26 -10.92 11.81
N SER B 391 1.12 -11.03 12.82
CA SER B 391 1.61 -12.36 13.18
C SER B 391 0.54 -13.19 13.90
N ILE B 392 -0.36 -12.55 14.65
CA ILE B 392 -1.46 -13.29 15.25
C ILE B 392 -2.39 -13.82 14.17
N VAL B 393 -2.66 -13.01 13.15
CA VAL B 393 -3.59 -13.43 12.10
C VAL B 393 -3.00 -14.58 11.30
N GLU B 394 -1.73 -14.48 10.92
CA GLU B 394 -1.11 -15.55 10.16
C GLU B 394 -1.11 -16.83 10.96
N GLN B 395 -0.84 -16.72 12.25
CA GLN B 395 -0.80 -17.86 13.12
C GLN B 395 -2.17 -18.53 13.18
N ARG B 396 -3.21 -17.72 13.27
CA ARG B 396 -4.57 -18.24 13.33
C ARG B 396 -4.94 -18.96 12.05
N LEU B 397 -4.53 -18.41 10.91
CA LEU B 397 -4.83 -19.01 9.62
C LEU B 397 -4.19 -20.38 9.55
N GLU B 398 -2.98 -20.48 10.07
CA GLU B 398 -2.23 -21.73 10.08
C GLU B 398 -2.94 -22.80 10.90
N ALA B 399 -3.57 -22.38 12.00
CA ALA B 399 -4.28 -23.31 12.87
C ALA B 399 -5.41 -23.98 12.10
N LEU B 400 -6.10 -23.22 11.26
CA LEU B 400 -7.18 -23.77 10.46
C LEU B 400 -6.62 -24.82 9.53
N GLU B 401 -5.39 -24.57 9.06
CA GLU B 401 -4.68 -25.46 8.16
C GLU B 401 -5.07 -25.21 6.72
N GLU B 402 -5.97 -24.26 6.51
CA GLU B 402 -6.40 -23.90 5.17
C GLU B 402 -5.23 -23.17 4.54
N LYS B 403 -5.05 -23.34 3.24
CA LYS B 403 -3.95 -22.70 2.53
C LYS B 403 -4.10 -21.18 2.44
N ILE B 404 -2.99 -20.48 2.52
CA ILE B 404 -3.01 -19.04 2.38
C ILE B 404 -2.51 -18.81 0.97
N ARG B 405 -3.38 -18.27 0.12
CA ARG B 405 -3.00 -18.05 -1.26
C ARG B 405 -2.26 -16.75 -1.49
N THR B 406 -1.16 -16.84 -2.23
CA THR B 406 -0.37 -15.66 -2.55
C THR B 406 -0.86 -15.02 -3.85
N THR B 407 -1.70 -15.74 -4.57
CA THR B 407 -2.24 -15.25 -5.83
C THR B 407 -3.73 -15.47 -5.88
N GLU B 408 -4.41 -14.69 -6.71
CA GLU B 408 -5.85 -14.78 -6.84
C GLU B 408 -6.30 -15.36 -8.17
N THR B 409 -5.42 -16.06 -8.88
CA THR B 409 -5.80 -16.58 -10.19
C THR B 409 -6.96 -17.55 -10.09
N GLN B 410 -8.02 -17.24 -10.83
CA GLN B 410 -9.22 -18.07 -10.90
C GLN B 410 -9.05 -19.37 -11.67
N VAL B 411 -8.37 -19.30 -12.81
CA VAL B 411 -8.19 -20.45 -13.66
C VAL B 411 -6.89 -20.43 -14.43
N LEU B 412 -6.43 -21.61 -14.85
CA LEU B 412 -5.21 -21.73 -15.62
C LEU B 412 -5.53 -22.47 -16.92
N VAL B 413 -5.03 -21.96 -18.03
CA VAL B 413 -5.29 -22.59 -19.32
C VAL B 413 -4.24 -23.64 -19.59
N ALA B 414 -4.69 -24.87 -19.81
CA ALA B 414 -3.76 -25.97 -20.07
C ALA B 414 -4.21 -26.93 -21.15
N SER B 415 -3.25 -27.53 -21.84
CA SER B 415 -3.55 -28.52 -22.87
C SER B 415 -2.65 -29.73 -22.73
N ALA B 416 -3.25 -30.91 -22.70
CA ALA B 416 -2.49 -32.17 -22.62
C ALA B 416 -1.68 -32.44 -23.88
N GLN B 417 -2.31 -32.15 -25.02
CA GLN B 417 -1.72 -32.36 -26.34
C GLN B 417 -0.65 -31.36 -26.74
N LYS B 418 0.11 -31.72 -27.77
CA LYS B 418 1.18 -30.88 -28.29
C LYS B 418 0.74 -29.83 -29.30
N LYS B 419 1.54 -28.77 -29.41
CA LYS B 419 1.31 -27.67 -30.35
C LYS B 419 0.02 -26.85 -30.27
N LEU B 420 -0.47 -26.60 -29.07
CA LEU B 420 -1.67 -25.79 -28.90
C LEU B 420 -1.37 -24.49 -28.18
N LEU B 421 -0.10 -24.14 -28.10
CA LEU B 421 0.32 -22.96 -27.37
C LEU B 421 -0.35 -21.69 -27.86
N GLU B 422 -0.41 -21.54 -29.17
CA GLU B 422 -1.04 -20.36 -29.74
C GLU B 422 -2.51 -20.35 -29.38
N GLU B 423 -3.13 -21.53 -29.40
CA GLU B 423 -4.52 -21.64 -29.05
C GLU B 423 -4.73 -21.25 -27.60
N ARG B 424 -3.80 -21.67 -26.74
CA ARG B 424 -3.88 -21.34 -25.32
C ARG B 424 -3.75 -19.84 -25.07
N LEU B 425 -2.83 -19.20 -25.79
CA LEU B 425 -2.60 -17.78 -25.63
C LEU B 425 -3.83 -16.96 -26.02
N LYS B 426 -4.48 -17.35 -27.10
CA LYS B 426 -5.66 -16.63 -27.54
C LYS B 426 -6.76 -16.72 -26.50
N LEU B 427 -6.95 -17.91 -25.95
CA LEU B 427 -7.98 -18.12 -24.93
C LEU B 427 -7.72 -17.35 -23.64
N VAL B 428 -6.48 -17.36 -23.19
CA VAL B 428 -6.10 -16.67 -21.96
C VAL B 428 -6.32 -15.17 -22.14
N SER B 429 -6.00 -14.68 -23.32
CA SER B 429 -6.17 -13.27 -23.63
C SER B 429 -7.64 -12.90 -23.56
N GLU B 430 -8.49 -13.78 -24.06
CA GLU B 430 -9.91 -13.52 -24.04
C GLU B 430 -10.36 -13.44 -22.59
N LEU B 431 -9.84 -14.32 -21.76
CA LEU B 431 -10.19 -14.33 -20.35
C LEU B 431 -9.74 -13.04 -19.66
N TRP B 432 -8.55 -12.58 -20.01
CA TRP B 432 -8.02 -11.36 -19.42
C TRP B 432 -8.87 -10.16 -19.80
N ASP B 433 -9.30 -10.12 -21.04
CA ASP B 433 -10.14 -9.04 -21.55
C ASP B 433 -11.45 -9.02 -20.79
N ALA B 434 -11.93 -10.22 -20.45
CA ALA B 434 -13.16 -10.40 -19.71
C ALA B 434 -13.02 -9.99 -18.25
N GLY B 435 -11.79 -9.77 -17.80
CA GLY B 435 -11.56 -9.38 -16.41
C GLY B 435 -11.35 -10.53 -15.44
N ILE B 436 -11.24 -11.73 -15.99
CA ILE B 436 -11.02 -12.92 -15.20
C ILE B 436 -9.54 -13.03 -14.89
N LYS B 437 -9.19 -13.60 -13.75
CA LYS B 437 -7.80 -13.75 -13.40
C LYS B 437 -7.41 -15.12 -13.91
N ALA B 438 -6.61 -15.14 -14.97
CA ALA B 438 -6.19 -16.37 -15.62
C ALA B 438 -4.69 -16.43 -15.81
N GLU B 439 -4.17 -17.64 -15.95
CA GLU B 439 -2.74 -17.86 -16.10
C GLU B 439 -2.50 -18.93 -17.15
N LEU B 440 -1.25 -19.06 -17.57
CA LEU B 440 -0.83 -20.21 -18.38
C LEU B 440 0.68 -20.34 -18.24
N LEU B 441 1.16 -21.57 -18.37
CA LEU B 441 2.59 -21.81 -18.26
C LEU B 441 3.30 -21.42 -19.55
N TYR B 442 4.47 -20.79 -19.39
CA TYR B 442 5.24 -20.30 -20.52
C TYR B 442 6.05 -21.43 -21.15
N LYS B 443 5.32 -22.43 -21.65
CA LYS B 443 5.92 -23.64 -22.22
C LYS B 443 5.25 -23.95 -23.54
N LYS B 444 6.04 -24.51 -24.46
CA LYS B 444 5.49 -24.88 -25.76
C LYS B 444 4.50 -26.03 -25.63
N ASN B 445 4.95 -27.10 -25.01
CA ASN B 445 4.14 -28.29 -24.79
C ASN B 445 4.24 -28.81 -23.37
N PRO B 446 3.57 -28.07 -22.40
CA PRO B 446 3.68 -28.60 -21.04
C PRO B 446 2.79 -29.80 -20.81
N LYS B 447 3.20 -30.70 -19.92
CA LYS B 447 2.41 -31.87 -19.60
C LYS B 447 1.24 -31.52 -18.66
N LEU B 448 0.12 -32.21 -18.83
CA LEU B 448 -1.07 -31.95 -18.03
C LEU B 448 -0.88 -32.19 -16.54
N LEU B 449 -0.14 -33.24 -16.19
CA LEU B 449 0.08 -33.54 -14.78
C LEU B 449 0.82 -32.40 -14.11
N ASN B 450 1.80 -31.84 -14.80
CA ASN B 450 2.58 -30.75 -14.25
C ASN B 450 1.71 -29.53 -13.99
N GLN B 451 0.83 -29.24 -14.93
CA GLN B 451 -0.07 -28.10 -14.82
C GLN B 451 -1.04 -28.25 -13.65
N LEU B 452 -1.58 -29.46 -13.47
CA LEU B 452 -2.51 -29.73 -12.39
C LEU B 452 -1.84 -29.58 -11.04
N GLN B 453 -0.59 -30.02 -10.95
CA GLN B 453 0.15 -29.92 -9.71
C GLN B 453 0.35 -28.46 -9.33
N TYR B 454 0.62 -27.64 -10.34
CA TYR B 454 0.83 -26.22 -10.13
C TYR B 454 -0.44 -25.61 -9.55
N CYS B 455 -1.59 -26.02 -10.07
CA CYS B 455 -2.86 -25.52 -9.58
C CYS B 455 -3.06 -25.92 -8.13
N GLU B 456 -2.72 -27.17 -7.82
CA GLU B 456 -2.91 -27.65 -6.46
C GLU B 456 -2.05 -26.87 -5.49
N GLU B 457 -0.80 -26.65 -5.87
CA GLU B 457 0.14 -25.89 -5.04
C GLU B 457 -0.22 -24.42 -4.90
N ALA B 458 -0.65 -23.81 -6.00
CA ALA B 458 -1.01 -22.40 -6.03
C ALA B 458 -2.41 -22.07 -5.50
N GLY B 459 -3.24 -23.10 -5.34
CA GLY B 459 -4.59 -22.91 -4.85
C GLY B 459 -5.63 -22.51 -5.87
N ILE B 460 -5.26 -22.55 -7.15
CA ILE B 460 -6.19 -22.19 -8.21
C ILE B 460 -7.36 -23.15 -8.21
N PRO B 461 -8.57 -22.63 -8.31
CA PRO B 461 -9.80 -23.41 -8.31
C PRO B 461 -10.08 -24.26 -9.55
N LEU B 462 -9.81 -23.74 -10.74
CA LEU B 462 -10.13 -24.44 -11.98
C LEU B 462 -9.04 -24.48 -13.03
N VAL B 463 -9.14 -25.47 -13.91
CA VAL B 463 -8.21 -25.63 -15.00
C VAL B 463 -8.98 -25.69 -16.32
N ALA B 464 -8.57 -24.91 -17.30
CA ALA B 464 -9.25 -24.91 -18.59
C ALA B 464 -8.38 -25.69 -19.54
N ILE B 465 -8.93 -26.75 -20.10
CA ILE B 465 -8.18 -27.62 -20.99
C ILE B 465 -8.62 -27.51 -22.43
N ILE B 466 -7.64 -27.38 -23.32
CA ILE B 466 -7.91 -27.28 -24.73
C ILE B 466 -7.41 -28.54 -25.41
N GLY B 467 -8.29 -29.15 -26.20
CA GLY B 467 -7.97 -30.37 -26.91
C GLY B 467 -8.31 -30.14 -28.36
N GLU B 468 -7.71 -30.90 -29.25
CA GLU B 468 -7.98 -30.71 -30.66
C GLU B 468 -9.46 -30.93 -30.97
N GLN B 469 -10.04 -31.99 -30.43
CA GLN B 469 -11.45 -32.24 -30.66
C GLN B 469 -12.31 -31.16 -30.05
N GLU B 470 -11.95 -30.73 -28.84
CA GLU B 470 -12.69 -29.70 -28.14
C GLU B 470 -12.63 -28.41 -28.92
N LEU B 471 -11.46 -28.13 -29.47
CA LEU B 471 -11.27 -26.92 -30.23
C LEU B 471 -12.21 -26.93 -31.42
N LYS B 472 -12.29 -28.09 -32.06
CA LYS B 472 -13.14 -28.26 -33.23
C LYS B 472 -14.63 -28.12 -32.93
N ASP B 473 -15.07 -28.65 -31.80
CA ASP B 473 -16.50 -28.60 -31.48
C ASP B 473 -16.95 -27.25 -30.94
N GLY B 474 -16.02 -26.36 -30.61
CA GLY B 474 -16.33 -25.11 -29.95
C GLY B 474 -16.43 -25.20 -28.45
N VAL B 475 -16.25 -26.38 -27.87
CA VAL B 475 -16.28 -26.56 -26.42
C VAL B 475 -14.90 -26.35 -25.81
N ILE B 476 -14.89 -26.22 -24.50
CA ILE B 476 -13.68 -26.07 -23.72
C ILE B 476 -13.93 -26.99 -22.54
N LYS B 477 -12.92 -27.70 -22.09
CA LYS B 477 -13.11 -28.62 -20.98
C LYS B 477 -12.70 -27.96 -19.69
N LEU B 478 -13.65 -27.87 -18.76
CA LEU B 478 -13.38 -27.25 -17.47
C LEU B 478 -13.38 -28.30 -16.39
N ARG B 479 -12.27 -28.41 -15.67
CA ARG B 479 -12.14 -29.39 -14.61
C ARG B 479 -11.87 -28.75 -13.27
N SER B 480 -12.64 -29.15 -12.26
CA SER B 480 -12.43 -28.61 -10.94
C SER B 480 -11.21 -29.28 -10.36
N VAL B 481 -10.26 -28.50 -9.86
CA VAL B 481 -9.07 -29.09 -9.31
C VAL B 481 -9.36 -29.93 -8.07
N THR B 482 -10.17 -29.44 -7.15
CA THR B 482 -10.48 -30.22 -5.96
C THR B 482 -11.34 -31.46 -6.23
N SER B 483 -12.43 -31.27 -6.96
CA SER B 483 -13.33 -32.36 -7.32
C SER B 483 -12.74 -33.31 -8.34
N ARG B 484 -12.07 -32.73 -9.32
CA ARG B 484 -11.46 -33.45 -10.42
C ARG B 484 -12.52 -33.74 -11.48
N GLU B 485 -13.71 -33.24 -11.26
CA GLU B 485 -14.80 -33.41 -12.21
C GLU B 485 -14.63 -32.52 -13.43
N GLU B 486 -15.19 -32.93 -14.56
CA GLU B 486 -15.07 -32.17 -15.80
C GLU B 486 -16.40 -31.90 -16.47
N VAL B 487 -16.43 -30.82 -17.25
CA VAL B 487 -17.62 -30.46 -17.99
C VAL B 487 -17.18 -29.86 -19.32
N ASP B 488 -18.03 -29.95 -20.33
CA ASP B 488 -17.70 -29.38 -21.63
C ASP B 488 -18.52 -28.12 -21.77
N VAL B 489 -17.85 -27.00 -21.95
CA VAL B 489 -18.54 -25.74 -22.09
C VAL B 489 -18.21 -25.02 -23.38
N ARG B 490 -19.24 -24.61 -24.10
CA ARG B 490 -19.08 -23.84 -25.33
C ARG B 490 -18.32 -22.55 -25.05
N ARG B 491 -17.55 -22.12 -26.05
CA ARG B 491 -16.64 -20.98 -25.90
C ARG B 491 -17.33 -19.77 -25.30
N GLU B 492 -18.52 -19.43 -25.78
CA GLU B 492 -19.22 -18.25 -25.27
C GLU B 492 -19.61 -18.32 -23.80
N ASP B 493 -20.09 -19.48 -23.37
CA ASP B 493 -20.50 -19.69 -22.00
C ASP B 493 -19.35 -19.77 -21.01
N LEU B 494 -18.13 -19.95 -21.52
CA LEU B 494 -16.98 -20.11 -20.66
C LEU B 494 -16.70 -18.96 -19.72
N VAL B 495 -16.82 -17.73 -20.20
CA VAL B 495 -16.54 -16.61 -19.32
C VAL B 495 -17.58 -16.52 -18.21
N GLU B 496 -18.85 -16.65 -18.57
CA GLU B 496 -19.92 -16.57 -17.61
C GLU B 496 -19.89 -17.69 -16.59
N GLU B 497 -19.63 -18.91 -17.06
CA GLU B 497 -19.57 -20.06 -16.17
C GLU B 497 -18.45 -19.95 -15.15
N ILE B 498 -17.30 -19.47 -15.59
CA ILE B 498 -16.18 -19.33 -14.68
C ILE B 498 -16.50 -18.36 -13.55
N LYS B 499 -17.17 -17.27 -13.90
CA LYS B 499 -17.53 -16.28 -12.90
C LYS B 499 -18.51 -16.85 -11.88
N ARG B 500 -19.48 -17.62 -12.35
CA ARG B 500 -20.47 -18.21 -11.45
C ARG B 500 -19.82 -19.20 -10.49
N ARG B 501 -18.91 -20.01 -11.02
CA ARG B 501 -18.22 -21.02 -10.21
C ARG B 501 -17.34 -20.40 -9.13
N THR B 502 -16.67 -19.30 -9.48
CA THR B 502 -15.78 -18.62 -8.54
C THR B 502 -16.58 -17.70 -7.62
#